data_7LIX
#
_entry.id   7LIX
#
_cell.length_a   1.00
_cell.length_b   1.00
_cell.length_c   1.00
_cell.angle_alpha   90.00
_cell.angle_beta   90.00
_cell.angle_gamma   90.00
#
_symmetry.space_group_name_H-M   'P 1'
#
loop_
_entity.id
_entity.type
_entity.pdbx_description
1 polymer CaRSP1
2 polymer 'B-phycoerythrin beta chain'
3 non-polymer PHYCOERYTHROBILIN
#
loop_
_entity_poly.entity_id
_entity_poly.type
_entity_poly.pdbx_seq_one_letter_code
_entity_poly.pdbx_strand_id
1 'polypeptide(L)'
;MAAFVSGGCGVGGQRRAWPAKGAAVARTHACPTTMVVLPVARAGLAATAKKNQYMGTSVAPEIVLTDKGSDMSRKVKTED
KKVAADQAAAMGILANMSLYASLNPVKRMTYKAKEQAPAYVKKTGNPVEDFYPSSWRNMAPVISLSANRVAVAFEKIDAA
SNGVKANSNNKPFWKSGATTKNYVAPEAPAQSEPETLDDAAYQRYFPARIRNKAPAMEFRRPSFANTEDPSAYFMLQKET
VPLRMALAEKLLTKLGRKGDGSEAEEEKVKPQKKAAKKDAKDDAKDDE
;
A
2 'polypeptide(L)'
;MLDAFSRVVVNSDAKAAYVGGSDLQALKSFIADGNKRLDAVNSIVSNASCMVSDAVSGMICENPGLISPGG(MEN)CYTN
RRMAACLRDGEIILRYVSYALLAGDASVLEDRCLNGLKETYIALGVPTNSSIRAVSIMKAQAVAFITNTATERKMSFAAG
DCTSLASEVASYFDRVGAAIS
;
B,C,D
#
# COMPACT_ATOMS: atom_id res chain seq x y z
N VAL A 36 32.25 -43.49 45.31
CA VAL A 36 32.06 -44.92 45.36
C VAL A 36 30.77 -45.26 44.65
N VAL A 37 30.13 -44.22 44.13
CA VAL A 37 28.90 -44.32 43.35
C VAL A 37 29.14 -43.60 42.04
N LEU A 38 28.72 -44.22 40.93
CA LEU A 38 28.64 -43.55 39.64
C LEU A 38 27.17 -43.28 39.35
N PRO A 39 26.69 -42.04 39.55
CA PRO A 39 25.25 -41.79 39.36
C PRO A 39 24.78 -41.82 37.93
N VAL A 40 25.61 -41.37 36.99
CA VAL A 40 25.21 -41.37 35.58
C VAL A 40 25.11 -42.79 35.07
N ALA A 41 25.98 -43.68 35.55
CA ALA A 41 25.91 -45.08 35.16
C ALA A 41 24.68 -45.76 35.76
N ARG A 42 24.29 -45.37 36.97
CA ARG A 42 23.08 -45.92 37.58
C ARG A 42 21.84 -45.42 36.89
N ALA A 43 21.84 -44.14 36.48
CA ALA A 43 20.70 -43.58 35.76
C ALA A 43 20.49 -44.25 34.42
N GLY A 44 21.57 -44.53 33.70
CA GLY A 44 21.43 -45.19 32.42
C GLY A 44 20.98 -46.62 32.52
N LEU A 45 21.47 -47.35 33.52
CA LEU A 45 21.12 -48.75 33.67
C LEU A 45 19.70 -48.92 34.17
N ALA A 46 19.26 -48.04 35.07
CA ALA A 46 17.89 -48.10 35.55
C ALA A 46 16.90 -47.71 34.47
N ALA A 47 17.28 -46.78 33.61
CA ALA A 47 16.40 -46.38 32.50
C ALA A 47 16.30 -47.48 31.46
N THR A 48 17.43 -48.08 31.09
CA THR A 48 17.47 -49.11 30.06
C THR A 48 16.68 -50.35 30.47
N ALA A 49 16.70 -50.68 31.77
CA ALA A 49 16.02 -51.87 32.25
C ALA A 49 14.50 -51.74 32.22
N LYS A 50 13.97 -50.54 32.04
CA LYS A 50 12.52 -50.38 31.98
C LYS A 50 12.02 -49.81 30.66
N LYS A 51 12.87 -49.17 29.87
CA LYS A 51 12.40 -48.44 28.68
C LYS A 51 11.91 -49.38 27.60
N ASN A 52 10.74 -49.07 27.05
CA ASN A 52 10.23 -49.71 25.86
C ASN A 52 11.08 -49.31 24.66
N GLN A 53 11.58 -50.30 23.92
CA GLN A 53 12.43 -50.00 22.77
C GLN A 53 11.65 -49.38 21.62
N TYR A 54 10.37 -49.70 21.51
CA TYR A 54 9.59 -49.31 20.36
C TYR A 54 9.03 -47.90 20.46
N MET A 55 9.05 -47.28 21.64
CA MET A 55 8.30 -46.06 21.88
C MET A 55 8.86 -44.86 21.12
N GLY A 56 10.17 -44.83 20.86
CA GLY A 56 10.80 -43.70 20.15
C GLY A 56 11.12 -44.00 18.70
N THR A 57 10.41 -44.96 18.08
CA THR A 57 10.73 -45.39 16.68
C THR A 57 9.56 -45.29 15.69
N SER A 58 8.31 -45.12 16.15
CA SER A 58 7.14 -44.99 15.29
C SER A 58 6.95 -46.16 14.35
N VAL A 59 7.35 -47.36 14.77
CA VAL A 59 7.19 -48.54 13.95
C VAL A 59 5.88 -49.22 14.32
N ALA A 60 5.04 -49.49 13.33
CA ALA A 60 3.74 -50.10 13.53
C ALA A 60 3.54 -51.21 12.53
N PRO A 61 2.79 -52.26 12.89
CA PRO A 61 2.60 -53.38 11.97
C PRO A 61 1.64 -53.04 10.84
N GLU A 62 2.07 -53.29 9.62
CA GLU A 62 1.25 -53.10 8.43
C GLU A 62 0.60 -54.42 8.05
N ILE A 63 -0.68 -54.36 7.68
CA ILE A 63 -1.43 -55.53 7.26
C ILE A 63 -2.01 -55.25 5.89
N VAL A 64 -1.87 -56.19 4.96
CA VAL A 64 -2.52 -56.10 3.65
C VAL A 64 -2.97 -57.49 3.26
N LEU A 65 -4.24 -57.61 2.88
CA LEU A 65 -4.86 -58.89 2.58
C LEU A 65 -5.31 -58.91 1.12
N THR A 66 -5.06 -60.04 0.46
CA THR A 66 -5.42 -60.23 -0.94
C THR A 66 -6.50 -61.29 -1.02
N ASP A 67 -7.57 -60.99 -1.75
CA ASP A 67 -8.72 -61.90 -1.81
C ASP A 67 -9.44 -61.65 -3.13
N LYS A 68 -9.38 -62.62 -4.03
CA LYS A 68 -10.09 -62.56 -5.30
C LYS A 68 -11.07 -63.72 -5.45
N GLY A 69 -11.54 -64.27 -4.34
CA GLY A 69 -12.63 -65.23 -4.37
C GLY A 69 -12.23 -66.67 -4.65
N SER A 70 -10.95 -66.98 -4.73
CA SER A 70 -10.49 -68.35 -4.88
C SER A 70 -9.51 -68.68 -3.76
N ASP A 71 -9.52 -69.94 -3.34
CA ASP A 71 -8.71 -70.37 -2.20
C ASP A 71 -7.21 -70.31 -2.46
N MET A 72 -6.84 -70.20 -3.74
CA MET A 72 -5.40 -70.13 -4.13
C MET A 72 -4.95 -68.66 -4.16
N SER A 73 -5.90 -67.72 -4.15
CA SER A 73 -5.55 -66.31 -4.21
C SER A 73 -5.39 -65.69 -2.84
N ARG A 74 -6.06 -66.23 -1.83
CA ARG A 74 -6.10 -65.60 -0.51
C ARG A 74 -4.76 -65.67 0.19
N LYS A 75 -4.29 -64.53 0.66
CA LYS A 75 -2.99 -64.43 1.30
C LYS A 75 -3.00 -63.25 2.23
N VAL A 76 -2.43 -63.45 3.41
CA VAL A 76 -2.30 -62.41 4.44
C VAL A 76 -0.82 -62.21 4.72
N LYS A 77 -0.38 -60.97 4.72
CA LYS A 77 1.00 -60.66 5.06
C LYS A 77 1.06 -59.53 6.07
N THR A 78 2.04 -59.61 6.96
CA THR A 78 2.28 -58.57 7.95
C THR A 78 3.76 -58.22 7.95
N GLU A 79 4.04 -56.96 8.24
CA GLU A 79 5.40 -56.43 8.13
C GLU A 79 5.48 -55.16 8.96
N ASP A 80 6.52 -55.05 9.80
CA ASP A 80 6.75 -53.83 10.55
C ASP A 80 7.23 -52.72 9.63
N LYS A 81 6.65 -51.54 9.78
CA LYS A 81 6.95 -50.42 8.90
C LYS A 81 6.77 -49.12 9.66
N LYS A 82 7.75 -48.23 9.54
CA LYS A 82 7.73 -46.96 10.25
C LYS A 82 6.68 -46.04 9.65
N VAL A 83 5.79 -45.51 10.49
CA VAL A 83 4.73 -44.62 10.03
C VAL A 83 5.27 -43.22 9.85
N ALA A 84 5.06 -42.64 8.67
CA ALA A 84 5.59 -41.35 8.32
C ALA A 84 4.61 -40.23 8.60
N ALA A 85 5.14 -39.01 8.78
CA ALA A 85 4.33 -37.82 8.98
C ALA A 85 4.19 -37.08 7.65
N ASP A 86 2.98 -37.07 7.10
CA ASP A 86 2.69 -36.35 5.86
C ASP A 86 2.27 -34.93 6.20
N GLN A 87 3.24 -34.03 6.13
CA GLN A 87 3.02 -32.63 6.48
C GLN A 87 2.08 -31.93 5.50
N ALA A 88 1.97 -32.43 4.27
CA ALA A 88 1.13 -31.80 3.27
C ALA A 88 -0.35 -31.98 3.58
N ALA A 89 -0.76 -33.19 3.94
CA ALA A 89 -2.17 -33.45 4.23
C ALA A 89 -2.59 -32.86 5.57
N ALA A 90 -1.63 -32.62 6.46
CA ALA A 90 -1.92 -31.93 7.72
C ALA A 90 -2.35 -30.49 7.49
N MET A 91 -1.95 -29.88 6.37
CA MET A 91 -2.38 -28.52 6.07
C MET A 91 -3.86 -28.46 5.73
N GLY A 92 -4.36 -29.49 5.06
CA GLY A 92 -5.76 -29.49 4.66
C GLY A 92 -6.71 -29.55 5.84
N ILE A 93 -6.36 -30.36 6.83
CA ILE A 93 -7.16 -30.45 8.05
C ILE A 93 -7.08 -29.14 8.83
N LEU A 94 -5.87 -28.59 8.97
CA LEU A 94 -5.66 -27.38 9.74
C LEU A 94 -6.37 -26.18 9.11
N ALA A 95 -6.31 -26.06 7.80
CA ALA A 95 -6.96 -24.92 7.13
C ALA A 95 -8.47 -25.02 7.19
N ASN A 96 -9.02 -26.20 6.83
CA ASN A 96 -10.47 -26.36 6.73
C ASN A 96 -11.15 -26.25 8.07
N MET A 97 -10.54 -26.80 9.12
CA MET A 97 -11.17 -26.76 10.43
C MET A 97 -11.15 -25.36 11.03
N SER A 98 -10.07 -24.61 10.80
CA SER A 98 -9.97 -23.25 11.31
C SER A 98 -10.99 -22.33 10.67
N LEU A 99 -11.40 -22.63 9.44
CA LEU A 99 -12.55 -21.93 8.89
C LEU A 99 -13.83 -22.31 9.61
N TYR A 100 -14.01 -23.60 9.89
CA TYR A 100 -15.15 -24.07 10.68
C TYR A 100 -15.15 -23.49 12.08
N ALA A 101 -13.96 -23.38 12.68
CA ALA A 101 -13.87 -22.84 14.02
C ALA A 101 -14.24 -21.37 14.07
N SER A 102 -14.11 -20.65 12.97
CA SER A 102 -14.42 -19.24 12.94
C SER A 102 -15.85 -18.95 12.55
N LEU A 103 -16.47 -19.82 11.77
CA LEU A 103 -17.86 -19.59 11.40
C LEU A 103 -18.82 -20.08 12.47
N ASN A 104 -18.38 -20.95 13.35
CA ASN A 104 -19.21 -21.42 14.46
C ASN A 104 -19.36 -20.33 15.51
N PRO A 105 -20.58 -19.91 15.83
CA PRO A 105 -20.75 -18.79 16.76
C PRO A 105 -20.87 -19.18 18.23
N VAL A 106 -21.25 -20.41 18.54
CA VAL A 106 -21.40 -20.81 19.92
C VAL A 106 -20.09 -21.33 20.50
N LYS A 107 -19.22 -21.90 19.66
CA LYS A 107 -17.86 -22.20 20.11
C LYS A 107 -17.04 -20.94 20.27
N ARG A 108 -17.49 -19.83 19.67
CA ARG A 108 -16.83 -18.54 19.86
C ARG A 108 -16.93 -18.02 21.29
N MET A 109 -17.94 -18.44 22.06
CA MET A 109 -18.06 -17.99 23.43
C MET A 109 -17.68 -19.05 24.45
N THR A 110 -18.02 -20.32 24.21
CA THR A 110 -17.62 -21.37 25.14
C THR A 110 -16.15 -21.75 24.99
N TYR A 111 -15.50 -21.32 23.92
CA TYR A 111 -14.06 -21.46 23.76
C TYR A 111 -13.49 -20.11 23.32
N LYS A 112 -13.20 -19.25 24.28
CA LYS A 112 -12.56 -17.97 23.97
C LYS A 112 -11.06 -18.14 23.79
N ALA A 113 -10.59 -18.15 22.54
CA ALA A 113 -9.20 -18.39 22.22
C ALA A 113 -8.30 -17.22 22.63
N LYS A 114 -7.01 -17.48 22.65
CA LYS A 114 -6.02 -16.56 23.19
C LYS A 114 -5.47 -15.63 22.13
N GLU A 115 -5.19 -14.39 22.54
CA GLU A 115 -4.47 -13.45 21.70
C GLU A 115 -3.02 -13.87 21.52
N GLN A 116 -2.55 -13.81 20.29
CA GLN A 116 -1.14 -14.05 19.98
C GLN A 116 -0.49 -12.73 19.58
N ALA A 117 0.59 -12.37 20.27
CA ALA A 117 1.31 -11.16 19.95
C ALA A 117 2.04 -11.31 18.62
N PRO A 118 1.97 -10.31 17.75
CA PRO A 118 2.67 -10.41 16.46
C PRO A 118 4.19 -10.29 16.62
N ALA A 119 4.89 -10.86 15.64
CA ALA A 119 6.35 -10.85 15.64
C ALA A 119 6.89 -9.44 15.45
N TYR A 120 8.11 -9.22 15.95
CA TYR A 120 8.74 -7.93 15.87
C TYR A 120 9.05 -7.58 14.42
N VAL A 121 8.42 -6.52 13.92
CA VAL A 121 8.81 -5.88 12.68
C VAL A 121 8.96 -4.39 12.99
N LYS A 122 10.07 -3.80 12.56
CA LYS A 122 10.36 -2.41 12.87
C LYS A 122 9.38 -1.47 12.17
N LYS A 123 9.00 -0.41 12.86
CA LYS A 123 8.09 0.59 12.30
C LYS A 123 8.89 1.74 11.69
N THR A 124 8.26 2.43 10.73
CA THR A 124 8.94 3.45 9.96
C THR A 124 8.25 4.81 9.97
N GLY A 125 7.12 4.94 10.66
CA GLY A 125 6.45 6.22 10.77
C GLY A 125 5.49 6.58 9.65
N ASN A 126 5.71 6.11 8.43
CA ASN A 126 4.71 6.32 7.39
C ASN A 126 3.60 5.27 7.55
N PRO A 127 2.34 5.68 7.62
CA PRO A 127 1.26 4.71 7.85
C PRO A 127 1.02 3.75 6.71
N VAL A 128 1.48 4.07 5.50
CA VAL A 128 1.26 3.19 4.35
C VAL A 128 2.06 1.90 4.50
N GLU A 129 3.27 2.00 5.02
CA GLU A 129 4.07 0.80 5.25
C GLU A 129 3.90 0.22 6.64
N ASP A 130 3.45 1.04 7.60
CA ASP A 130 3.14 0.52 8.92
C ASP A 130 1.91 -0.38 8.90
N PHE A 131 0.84 0.10 8.29
CA PHE A 131 -0.46 -0.54 8.42
C PHE A 131 -0.82 -1.43 7.25
N TYR A 132 -0.17 -1.26 6.12
CA TYR A 132 -0.39 -2.13 4.96
C TYR A 132 0.95 -2.57 4.39
N PRO A 133 1.68 -3.45 5.08
CA PRO A 133 2.92 -3.98 4.53
C PRO A 133 2.65 -4.87 3.34
N SER A 134 3.67 -5.03 2.50
CA SER A 134 3.52 -5.75 1.24
C SER A 134 3.26 -7.24 1.42
N SER A 135 3.45 -7.80 2.62
CA SER A 135 3.10 -9.20 2.82
C SER A 135 1.60 -9.40 2.90
N TRP A 136 0.86 -8.38 3.36
CA TRP A 136 -0.57 -8.50 3.54
C TRP A 136 -1.37 -7.66 2.57
N ARG A 137 -0.76 -6.65 1.94
CA ARG A 137 -1.47 -5.63 1.18
C ARG A 137 -2.28 -6.21 0.03
N ASN A 138 -3.52 -5.71 -0.10
CA ASN A 138 -4.54 -5.98 -1.10
C ASN A 138 -5.19 -7.36 -0.99
N MET A 139 -4.96 -8.11 0.08
CA MET A 139 -5.60 -9.41 0.23
C MET A 139 -7.01 -9.26 0.77
N ALA A 140 -7.95 -10.03 0.22
CA ALA A 140 -9.35 -9.94 0.58
C ALA A 140 -9.99 -11.30 0.37
N PRO A 141 -11.01 -11.65 1.16
CA PRO A 141 -11.55 -13.01 1.09
C PRO A 141 -12.58 -13.19 -0.02
N VAL A 142 -12.23 -14.00 -1.02
CA VAL A 142 -13.23 -14.48 -1.97
C VAL A 142 -14.08 -15.52 -1.28
N ILE A 143 -15.39 -15.40 -1.42
CA ILE A 143 -16.32 -16.38 -0.89
C ILE A 143 -17.03 -17.03 -2.05
N SER A 144 -17.11 -18.35 -2.02
CA SER A 144 -17.76 -19.11 -3.08
C SER A 144 -18.73 -20.10 -2.46
N LEU A 145 -19.99 -20.03 -2.87
CA LEU A 145 -21.04 -20.82 -2.25
C LEU A 145 -21.66 -21.75 -3.30
N SER A 146 -21.64 -23.03 -3.01
CA SER A 146 -22.12 -24.06 -3.92
C SER A 146 -23.04 -24.97 -3.12
N ALA A 147 -23.67 -25.91 -3.82
CA ALA A 147 -24.35 -27.00 -3.13
C ALA A 147 -23.38 -27.73 -2.22
N ASN A 148 -23.63 -27.61 -0.91
CA ASN A 148 -22.93 -28.30 0.18
C ASN A 148 -21.45 -27.96 0.28
N ARG A 149 -21.01 -26.79 -0.17
CA ARG A 149 -19.63 -26.37 0.02
C ARG A 149 -19.58 -24.87 0.22
N VAL A 150 -18.94 -24.44 1.30
CA VAL A 150 -18.67 -23.04 1.55
C VAL A 150 -17.16 -22.87 1.61
N ALA A 151 -16.63 -22.06 0.69
CA ALA A 151 -15.19 -21.93 0.51
C ALA A 151 -14.80 -20.46 0.66
N VAL A 152 -13.69 -20.23 1.34
CA VAL A 152 -13.15 -18.89 1.51
C VAL A 152 -11.70 -18.90 1.05
N ALA A 153 -11.33 -17.94 0.21
CA ALA A 153 -9.97 -17.85 -0.32
C ALA A 153 -9.51 -16.41 -0.25
N PHE A 154 -8.36 -16.19 0.37
CA PHE A 154 -7.80 -14.85 0.38
C PHE A 154 -6.98 -14.63 -0.88
N GLU A 155 -7.30 -13.58 -1.62
CA GLU A 155 -6.71 -13.31 -2.92
C GLU A 155 -6.39 -11.83 -3.02
N LYS A 156 -5.27 -11.51 -3.66
CA LYS A 156 -4.93 -10.11 -3.92
C LYS A 156 -5.86 -9.55 -4.99
N ILE A 157 -6.66 -8.55 -4.62
CA ILE A 157 -7.68 -8.02 -5.51
C ILE A 157 -7.05 -6.94 -6.39
N ASP A 158 -6.91 -7.20 -7.68
CA ASP A 158 -6.56 -6.19 -8.68
C ASP A 158 -7.76 -5.88 -9.57
N ALA A 159 -7.86 -4.64 -10.07
CA ALA A 159 -8.91 -4.10 -10.97
C ALA A 159 -8.26 -3.01 -11.86
N ALA A 160 -8.88 -2.53 -12.94
CA ALA A 160 -8.21 -1.51 -13.78
C ALA A 160 -9.18 -0.65 -14.61
N SER A 161 -8.60 0.38 -15.23
CA SER A 161 -9.25 1.29 -16.21
C SER A 161 -8.39 1.18 -17.47
N ASN A 162 -9.00 1.16 -18.66
CA ASN A 162 -8.24 0.97 -19.93
C ASN A 162 -7.43 -0.33 -19.81
N GLY A 163 -6.11 -0.28 -20.02
CA GLY A 163 -5.30 -1.51 -19.89
C GLY A 163 -4.25 -1.38 -18.80
N VAL A 164 -4.35 -0.36 -17.94
CA VAL A 164 -3.41 -0.10 -16.80
C VAL A 164 -4.06 -0.67 -15.54
N LYS A 165 -3.42 -1.63 -14.85
CA LYS A 165 -3.98 -2.29 -13.64
C LYS A 165 -3.75 -1.41 -12.40
N ALA A 166 -4.44 -1.74 -11.30
CA ALA A 166 -4.29 -1.02 -10.04
C ALA A 166 -2.95 -1.28 -9.39
N ASN A 167 -2.48 -2.52 -9.45
CA ASN A 167 -1.19 -2.89 -8.87
C ASN A 167 -0.06 -2.86 -9.89
N SER A 168 -0.24 -2.14 -11.00
CA SER A 168 0.86 -1.91 -11.93
C SER A 168 1.90 -0.95 -11.38
N ASN A 169 1.58 -0.24 -10.30
CA ASN A 169 2.56 0.56 -9.58
C ASN A 169 3.66 -0.29 -8.95
N ASN A 170 3.40 -1.58 -8.70
CA ASN A 170 4.33 -2.44 -7.99
C ASN A 170 4.72 -3.65 -8.82
N LYS A 171 5.02 -3.44 -10.10
CA LYS A 171 5.41 -4.52 -10.99
C LYS A 171 6.77 -5.10 -10.59
N PRO A 172 7.02 -6.38 -10.91
CA PRO A 172 8.33 -6.98 -10.59
C PRO A 172 9.47 -6.31 -11.33
N PHE A 173 10.67 -6.48 -10.76
CA PHE A 173 11.87 -5.80 -11.24
C PHE A 173 12.24 -6.18 -12.66
N TRP A 174 11.96 -7.44 -13.04
CA TRP A 174 12.27 -7.90 -14.38
C TRP A 174 11.35 -7.30 -15.45
N LYS A 175 10.29 -6.62 -15.06
CA LYS A 175 9.45 -5.90 -16.01
C LYS A 175 9.85 -4.45 -16.15
N SER A 176 10.84 -3.99 -15.38
CA SER A 176 11.32 -2.62 -15.48
C SER A 176 12.55 -2.55 -16.37
N ASN A 182 17.42 9.47 -16.97
CA ASN A 182 16.48 10.41 -17.64
C ASN A 182 16.81 11.86 -17.29
N TYR A 183 16.38 12.79 -18.12
CA TYR A 183 16.55 14.24 -17.88
C TYR A 183 15.73 14.73 -16.68
N VAL A 184 16.17 15.82 -16.05
CA VAL A 184 15.47 16.48 -14.94
C VAL A 184 14.91 17.83 -15.40
N ALA A 185 13.61 18.05 -15.23
CA ALA A 185 12.96 19.31 -15.58
C ALA A 185 13.41 20.45 -14.62
N PRO A 186 13.82 21.63 -15.13
CA PRO A 186 14.15 22.78 -14.28
C PRO A 186 12.96 23.30 -13.47
N GLU A 187 13.23 23.97 -12.35
CA GLU A 187 12.20 24.65 -11.55
C GLU A 187 11.65 25.89 -12.29
N ALA A 188 10.33 25.98 -12.44
CA ALA A 188 9.67 27.12 -13.08
C ALA A 188 9.68 28.39 -12.19
N PRO A 189 9.89 29.59 -12.75
CA PRO A 189 9.88 30.85 -11.99
C PRO A 189 8.45 31.29 -11.63
N ALA A 190 8.31 32.04 -10.53
CA ALA A 190 7.09 32.78 -10.21
C ALA A 190 6.92 34.03 -11.11
N ALA A 200 -4.82 48.90 -24.79
CA ALA A 200 -3.56 49.37 -25.38
C ALA A 200 -3.72 49.97 -26.80
N ALA A 201 -4.27 51.19 -26.90
CA ALA A 201 -4.21 52.00 -28.11
C ALA A 201 -2.74 52.37 -28.41
N TYR A 202 -1.91 52.44 -27.36
CA TYR A 202 -0.45 52.51 -27.39
C TYR A 202 0.25 51.34 -28.14
N GLN A 203 -0.39 50.17 -28.31
CA GLN A 203 0.24 48.94 -28.81
C GLN A 203 0.97 49.10 -30.16
N ARG A 204 0.55 50.07 -30.99
CA ARG A 204 1.26 50.32 -32.27
C ARG A 204 2.72 50.71 -31.98
N TYR A 205 2.94 51.48 -30.91
CA TYR A 205 4.26 51.94 -30.48
C TYR A 205 5.01 50.90 -29.62
N PHE A 206 4.32 50.17 -28.73
CA PHE A 206 4.94 49.14 -27.86
C PHE A 206 4.04 47.89 -27.70
N PRO A 207 4.36 46.77 -28.37
CA PRO A 207 3.68 45.48 -28.21
C PRO A 207 3.79 44.89 -26.80
N ALA A 208 2.83 44.05 -26.40
CA ALA A 208 2.77 43.47 -25.05
C ALA A 208 4.00 42.62 -24.68
N ARG A 209 4.65 41.97 -25.66
CA ARG A 209 5.91 41.22 -25.46
C ARG A 209 7.14 42.10 -25.22
N ILE A 210 7.02 43.41 -25.46
CA ILE A 210 8.12 44.41 -25.39
C ILE A 210 7.91 45.40 -24.23
N ARG A 211 6.66 45.67 -23.86
CA ARG A 211 6.34 46.64 -22.77
C ARG A 211 7.12 46.33 -21.48
N ASN A 212 7.66 47.38 -20.83
CA ASN A 212 8.39 47.32 -19.57
C ASN A 212 9.61 46.39 -19.55
N LYS A 213 10.06 45.88 -20.71
CA LYS A 213 11.27 45.07 -20.85
C LYS A 213 12.52 45.96 -20.98
N ALA A 214 13.59 45.61 -20.26
CA ALA A 214 14.82 46.39 -20.19
C ALA A 214 16.05 45.50 -19.94
N PRO A 215 17.27 45.98 -20.27
CA PRO A 215 18.50 45.31 -19.89
C PRO A 215 18.68 45.23 -18.36
N ALA A 216 19.49 44.27 -17.92
CA ALA A 216 19.93 44.05 -16.55
C ALA A 216 21.40 43.62 -16.57
N MET A 217 22.21 44.11 -15.62
CA MET A 217 23.66 43.87 -15.62
C MET A 217 24.28 43.93 -14.23
N GLU A 218 25.34 43.16 -14.00
CA GLU A 218 26.03 43.02 -12.70
C GLU A 218 27.54 42.79 -12.87
N PHE A 219 28.33 43.16 -11.86
CA PHE A 219 29.80 43.20 -11.92
C PHE A 219 30.48 42.67 -10.66
N ARG A 220 31.70 42.14 -10.84
CA ARG A 220 32.70 41.90 -9.79
C ARG A 220 34.10 42.13 -10.37
N ARG A 221 34.70 43.29 -10.07
CA ARG A 221 36.08 43.63 -10.47
C ARG A 221 37.10 42.69 -9.81
N PRO A 222 38.28 42.47 -10.42
CA PRO A 222 39.36 41.69 -9.80
C PRO A 222 39.79 42.26 -8.45
N SER A 223 40.08 41.39 -7.49
CA SER A 223 40.23 41.75 -6.07
C SER A 223 41.47 42.61 -5.76
N PHE A 224 42.49 42.58 -6.61
CA PHE A 224 43.81 43.17 -6.35
C PHE A 224 44.29 44.02 -7.54
N ALA A 225 44.95 45.14 -7.26
CA ALA A 225 45.38 46.09 -8.28
C ALA A 225 46.37 45.50 -9.28
N ASN A 226 46.20 45.79 -10.59
CA ASN A 226 47.08 45.38 -11.69
C ASN A 226 47.38 43.86 -11.75
N THR A 227 46.49 43.03 -11.20
CA THR A 227 46.73 41.60 -10.91
C THR A 227 45.55 40.73 -11.38
N GLU A 228 45.85 39.58 -11.98
CA GLU A 228 44.82 38.64 -12.47
C GLU A 228 44.01 38.00 -11.32
N ASP A 229 42.71 37.78 -11.53
CA ASP A 229 41.82 37.16 -10.55
C ASP A 229 40.68 36.39 -11.26
N PRO A 230 40.74 35.04 -11.31
CA PRO A 230 39.69 34.22 -11.93
C PRO A 230 38.30 34.34 -11.29
N SER A 231 38.17 34.95 -10.11
CA SER A 231 36.86 35.19 -9.48
C SER A 231 36.14 36.44 -10.02
N ALA A 232 36.80 37.27 -10.83
CA ALA A 232 36.19 38.44 -11.46
C ALA A 232 35.14 38.05 -12.51
N TYR A 233 34.05 38.82 -12.59
CA TYR A 233 32.98 38.56 -13.56
C TYR A 233 32.22 39.82 -14.01
N PHE A 234 31.53 39.68 -15.13
CA PHE A 234 30.47 40.56 -15.64
C PHE A 234 29.27 39.70 -16.07
N MET A 235 28.04 40.21 -15.89
CA MET A 235 26.82 39.55 -16.37
C MET A 235 25.92 40.55 -17.11
N LEU A 236 25.32 40.09 -18.20
CA LEU A 236 24.37 40.85 -19.01
C LEU A 236 23.14 40.00 -19.35
N GLN A 237 21.96 40.58 -19.13
CA GLN A 237 20.68 39.88 -19.04
C GLN A 237 19.56 40.86 -19.38
N LYS A 238 18.31 40.39 -19.48
CA LYS A 238 17.12 41.24 -19.65
C LYS A 238 15.96 40.79 -18.75
N GLU A 239 15.10 41.74 -18.36
CA GLU A 239 13.97 41.40 -17.47
C GLU A 239 12.88 42.49 -17.53
N THR A 240 11.65 42.12 -17.18
CA THR A 240 10.51 43.09 -17.13
C THR A 240 10.55 43.76 -15.76
N VAL A 241 10.53 45.10 -15.73
CA VAL A 241 10.63 45.83 -14.45
C VAL A 241 9.33 45.67 -13.65
N PRO A 242 9.37 45.32 -12.35
CA PRO A 242 8.18 45.18 -11.52
C PRO A 242 7.33 46.45 -11.41
N LEU A 243 6.10 46.32 -10.87
CA LEU A 243 5.21 47.46 -10.61
C LEU A 243 5.70 48.36 -9.46
N ARG A 244 6.52 47.84 -8.53
CA ARG A 244 7.11 48.58 -7.38
C ARG A 244 6.07 49.28 -6.49
N MET A 245 4.83 48.77 -6.45
CA MET A 245 3.67 49.50 -5.91
C MET A 245 3.77 49.84 -4.42
N ALA A 246 4.44 49.02 -3.60
CA ALA A 246 4.65 49.33 -2.18
C ALA A 246 5.59 50.54 -2.00
N LEU A 247 6.71 50.59 -2.74
CA LEU A 247 7.62 51.74 -2.75
C LEU A 247 6.93 52.99 -3.32
N ALA A 248 6.13 52.84 -4.38
CA ALA A 248 5.32 53.93 -4.93
C ALA A 248 4.31 54.49 -3.91
N GLU A 249 3.67 53.63 -3.12
CA GLU A 249 2.76 54.05 -2.04
C GLU A 249 3.51 54.77 -0.91
N LYS A 250 4.66 54.22 -0.52
CA LYS A 250 5.50 54.81 0.57
C LYS A 250 6.04 56.16 0.09
N LEU A 251 6.29 56.29 -1.22
CA LEU A 251 6.83 57.54 -1.80
C LEU A 251 5.67 58.55 -1.96
N LEU A 252 4.48 58.06 -2.30
CA LEU A 252 3.29 58.93 -2.48
C LEU A 252 2.87 59.49 -1.11
N THR A 253 3.04 58.70 -0.06
CA THR A 253 2.67 59.14 1.33
C THR A 253 3.63 60.24 1.78
N LYS A 254 4.89 60.17 1.35
CA LYS A 254 5.92 61.18 1.72
C LYS A 254 5.86 62.35 0.73
N ALA B 16 9.05 -59.89 8.10
CA ALA B 16 7.79 -60.04 7.39
C ALA B 16 7.43 -61.50 7.20
N ALA B 17 6.13 -61.79 7.19
CA ALA B 17 5.64 -63.15 7.00
C ALA B 17 4.49 -63.14 6.02
N TYR B 18 4.29 -64.29 5.36
CA TYR B 18 3.18 -64.52 4.45
C TYR B 18 2.52 -65.83 4.84
N VAL B 19 1.20 -65.88 4.78
CA VAL B 19 0.46 -67.13 4.90
C VAL B 19 -0.64 -67.15 3.86
N GLY B 20 -0.74 -68.26 3.13
CA GLY B 20 -1.72 -68.38 2.08
C GLY B 20 -1.90 -69.81 1.64
N GLY B 21 -2.90 -70.01 0.78
CA GLY B 21 -3.17 -71.29 0.18
C GLY B 21 -3.54 -72.37 1.18
N SER B 22 -2.76 -73.45 1.18
CA SER B 22 -3.01 -74.56 2.10
C SER B 22 -2.66 -74.18 3.54
N ASP B 23 -1.63 -73.35 3.72
CA ASP B 23 -1.20 -72.96 5.06
C ASP B 23 -2.20 -72.01 5.72
N LEU B 24 -2.90 -71.20 4.93
CA LEU B 24 -3.92 -70.32 5.48
C LEU B 24 -5.10 -71.10 6.01
N GLN B 25 -5.45 -72.21 5.34
CA GLN B 25 -6.57 -73.03 5.77
C GLN B 25 -6.28 -73.75 7.08
N ALA B 26 -5.01 -73.97 7.38
CA ALA B 26 -4.61 -74.52 8.67
C ALA B 26 -4.92 -73.56 9.81
N LEU B 27 -4.57 -72.28 9.64
CA LEU B 27 -4.83 -71.28 10.67
C LEU B 27 -6.31 -71.00 10.81
N LYS B 28 -7.07 -71.17 9.72
CA LYS B 28 -8.51 -71.02 9.78
C LYS B 28 -9.16 -72.18 10.53
N SER B 29 -8.50 -73.34 10.56
CA SER B 29 -9.03 -74.47 11.29
C SER B 29 -8.98 -74.28 12.81
N PHE B 30 -8.13 -73.39 13.30
CA PHE B 30 -8.01 -73.21 14.75
C PHE B 30 -9.16 -72.43 15.35
N ILE B 31 -9.89 -71.67 14.56
CA ILE B 31 -10.98 -70.84 15.06
C ILE B 31 -12.02 -70.72 13.96
N ALA B 32 -13.28 -71.02 14.30
CA ALA B 32 -14.33 -71.17 13.27
C ALA B 32 -14.64 -69.85 12.58
N ASP B 33 -14.42 -68.72 13.24
CA ASP B 33 -14.63 -67.42 12.61
C ASP B 33 -13.42 -66.92 11.86
N GLY B 34 -12.52 -67.81 11.40
CA GLY B 34 -11.34 -67.47 10.63
C GLY B 34 -11.61 -66.58 9.44
N ASN B 35 -12.68 -66.85 8.70
CA ASN B 35 -13.09 -65.95 7.64
C ASN B 35 -13.73 -64.68 8.21
N LYS B 36 -14.51 -64.82 9.27
CA LYS B 36 -15.16 -63.66 9.87
C LYS B 36 -14.14 -62.72 10.50
N ARG B 37 -13.10 -63.26 11.13
CA ARG B 37 -12.06 -62.41 11.69
C ARG B 37 -11.28 -61.70 10.60
N LEU B 38 -11.00 -62.38 9.50
CA LEU B 38 -10.25 -61.77 8.41
C LEU B 38 -11.10 -60.77 7.63
N ASP B 39 -12.40 -60.98 7.57
CA ASP B 39 -13.28 -60.02 6.93
C ASP B 39 -13.49 -58.78 7.77
N ALA B 40 -13.16 -58.83 9.06
CA ALA B 40 -13.27 -57.68 9.93
C ALA B 40 -11.99 -56.84 9.97
N VAL B 41 -10.86 -57.41 9.59
CA VAL B 41 -9.64 -56.62 9.42
C VAL B 41 -9.64 -55.91 8.08
N ASN B 42 -10.32 -56.45 7.08
CA ASN B 42 -10.37 -55.85 5.76
C ASN B 42 -11.32 -54.66 5.70
N SER B 43 -12.17 -54.48 6.69
CA SER B 43 -13.03 -53.33 6.75
C SER B 43 -12.43 -52.19 7.54
N ILE B 44 -11.27 -52.41 8.16
CA ILE B 44 -10.58 -51.36 8.88
C ILE B 44 -9.34 -50.88 8.14
N VAL B 45 -8.62 -51.77 7.46
CA VAL B 45 -7.39 -51.35 6.80
C VAL B 45 -7.73 -50.74 5.45
N SER B 46 -8.93 -51.00 4.94
CA SER B 46 -9.37 -50.36 3.72
C SER B 46 -9.85 -48.94 3.94
N ASN B 47 -10.29 -48.63 5.15
CA ASN B 47 -10.82 -47.31 5.47
C ASN B 47 -9.96 -46.57 6.48
N ALA B 48 -8.74 -47.03 6.72
CA ALA B 48 -7.91 -46.51 7.79
C ALA B 48 -7.50 -45.06 7.54
N SER B 49 -7.40 -44.65 6.27
CA SER B 49 -7.05 -43.26 5.98
C SER B 49 -8.21 -42.32 6.31
N CYS B 50 -9.43 -42.73 5.96
CA CYS B 50 -10.60 -41.91 6.24
C CYS B 50 -10.89 -41.85 7.73
N MET B 51 -10.62 -42.94 8.45
CA MET B 51 -10.88 -43.02 9.88
C MET B 51 -10.04 -42.02 10.68
N VAL B 52 -8.72 -42.04 10.48
CA VAL B 52 -7.81 -41.19 11.25
C VAL B 52 -8.03 -39.72 10.92
N SER B 53 -8.26 -39.41 9.65
CA SER B 53 -8.52 -38.04 9.24
C SER B 53 -9.80 -37.51 9.84
N ASP B 54 -10.81 -38.37 10.01
CA ASP B 54 -12.09 -37.92 10.56
C ASP B 54 -12.04 -37.86 12.08
N ALA B 55 -11.29 -38.78 12.70
CA ALA B 55 -11.19 -38.80 14.15
C ALA B 55 -10.52 -37.54 14.68
N VAL B 56 -9.36 -37.20 14.11
CA VAL B 56 -8.61 -36.05 14.58
C VAL B 56 -9.35 -34.76 14.24
N SER B 57 -10.01 -34.70 13.09
CA SER B 57 -10.86 -33.56 12.77
C SER B 57 -12.03 -33.44 13.72
N GLY B 58 -12.69 -34.57 14.03
CA GLY B 58 -13.80 -34.56 14.96
C GLY B 58 -13.39 -34.18 16.38
N MET B 59 -12.13 -34.46 16.73
CA MET B 59 -11.57 -34.02 18.00
C MET B 59 -11.48 -32.49 18.06
N ILE B 60 -11.34 -31.83 16.91
CA ILE B 60 -11.21 -30.38 16.88
C ILE B 60 -12.56 -29.68 16.74
N CYS B 61 -13.55 -30.34 16.13
CA CYS B 61 -14.93 -29.81 16.15
C CYS B 61 -15.43 -29.69 17.59
N GLU B 62 -15.15 -30.70 18.39
CA GLU B 62 -15.58 -30.69 19.79
C GLU B 62 -14.78 -29.70 20.62
N ASN B 63 -13.47 -29.64 20.39
CA ASN B 63 -12.57 -28.83 21.21
C ASN B 63 -11.74 -27.94 20.29
N PRO B 64 -12.31 -26.81 19.85
CA PRO B 64 -11.58 -25.94 18.91
C PRO B 64 -10.41 -25.19 19.52
N GLY B 65 -10.15 -25.31 20.83
CA GLY B 65 -8.99 -24.70 21.44
C GLY B 65 -7.67 -25.34 21.06
N LEU B 66 -7.71 -26.49 20.39
CA LEU B 66 -6.49 -27.17 20.01
C LEU B 66 -5.76 -26.48 18.87
N ILE B 67 -6.45 -25.71 18.04
CA ILE B 67 -5.81 -24.99 16.95
C ILE B 67 -5.71 -23.50 17.26
N SER B 68 -5.73 -23.15 18.52
CA SER B 68 -5.58 -21.80 19.02
C SER B 68 -4.13 -21.55 19.39
N PRO B 69 -3.72 -20.30 19.64
CA PRO B 69 -2.37 -20.05 20.16
C PRO B 69 -2.13 -20.76 21.48
N GLY B 70 -0.99 -21.43 21.58
CA GLY B 70 -0.71 -22.27 22.70
C GLY B 70 -1.35 -23.65 22.64
N GLY B 71 -2.07 -23.96 21.57
CA GLY B 71 -2.67 -25.27 21.42
C GLY B 71 -1.63 -26.32 21.09
N CYS B 73 -2.10 -28.63 18.75
CA CYS B 73 -2.21 -28.97 17.34
C CYS B 73 -2.10 -27.73 16.43
N TYR B 74 -1.80 -26.57 17.01
CA TYR B 74 -1.32 -25.37 16.34
C TYR B 74 0.03 -25.65 15.66
N THR B 75 0.37 -24.98 14.56
CA THR B 75 1.52 -25.30 13.67
C THR B 75 1.43 -26.64 12.92
N ASN B 76 1.80 -26.68 11.63
CA ASN B 76 1.68 -27.88 10.79
C ASN B 76 2.56 -29.06 11.23
N ARG B 77 3.65 -28.83 11.98
CA ARG B 77 4.62 -29.85 12.42
C ARG B 77 3.97 -30.68 13.51
N ARG B 78 3.22 -30.04 14.41
CA ARG B 78 2.60 -30.78 15.50
C ARG B 78 1.41 -31.61 15.04
N MET B 79 0.55 -31.05 14.17
CA MET B 79 -0.61 -31.80 13.72
C MET B 79 -0.22 -32.96 12.81
N ALA B 80 0.90 -32.85 12.11
CA ALA B 80 1.40 -33.99 11.36
C ALA B 80 1.89 -35.09 12.28
N ALA B 81 2.32 -34.73 13.49
CA ALA B 81 2.63 -35.74 14.50
C ALA B 81 1.38 -36.28 15.17
N CYS B 82 0.36 -35.45 15.34
CA CYS B 82 -0.91 -35.93 15.87
C CYS B 82 -1.57 -36.91 14.90
N LEU B 83 -1.56 -36.60 13.61
CA LEU B 83 -2.11 -37.49 12.61
C LEU B 83 -1.33 -38.79 12.51
N ARG B 84 -0.03 -38.73 12.77
CA ARG B 84 0.79 -39.94 12.81
C ARG B 84 0.37 -40.84 13.95
N ASP B 85 0.07 -40.25 15.12
CA ASP B 85 -0.18 -41.04 16.33
C ASP B 85 -1.46 -41.84 16.24
N GLY B 86 -2.55 -41.25 15.72
CA GLY B 86 -3.77 -41.99 15.53
C GLY B 86 -3.61 -43.13 14.54
N GLU B 87 -2.69 -42.98 13.59
CA GLU B 87 -2.40 -44.06 12.66
C GLU B 87 -1.58 -45.17 13.31
N ILE B 88 -0.55 -44.81 14.10
CA ILE B 88 0.25 -45.82 14.81
C ILE B 88 -0.62 -46.60 15.79
N ILE B 89 -1.52 -45.90 16.47
CA ILE B 89 -2.45 -46.54 17.41
C ILE B 89 -3.38 -47.49 16.67
N LEU B 90 -3.96 -47.04 15.56
CA LEU B 90 -4.94 -47.85 14.84
C LEU B 90 -4.31 -49.09 14.21
N ARG B 91 -3.06 -49.00 13.78
CA ARG B 91 -2.41 -50.15 13.16
C ARG B 91 -2.16 -51.26 14.16
N TYR B 92 -1.85 -50.90 15.41
CA TYR B 92 -1.68 -51.90 16.46
C TYR B 92 -3.01 -52.56 16.84
N VAL B 93 -4.08 -51.78 16.92
CA VAL B 93 -5.40 -52.33 17.23
C VAL B 93 -5.88 -53.25 16.09
N SER B 94 -5.57 -52.89 14.85
CA SER B 94 -5.91 -53.76 13.73
C SER B 94 -5.08 -55.02 13.74
N TYR B 95 -3.84 -54.94 14.21
CA TYR B 95 -3.04 -56.14 14.38
C TYR B 95 -3.55 -56.99 15.53
N ALA B 96 -4.07 -56.34 16.57
CA ALA B 96 -4.59 -57.07 17.72
C ALA B 96 -5.83 -57.87 17.34
N LEU B 97 -6.65 -57.33 16.45
CA LEU B 97 -7.84 -58.06 16.03
C LEU B 97 -7.48 -59.28 15.19
N LEU B 98 -6.56 -59.11 14.26
CA LEU B 98 -6.10 -60.20 13.42
C LEU B 98 -5.46 -61.31 14.24
N ALA B 99 -4.66 -60.95 15.24
CA ALA B 99 -4.02 -61.93 16.10
C ALA B 99 -4.92 -62.46 17.19
N GLY B 100 -5.96 -61.71 17.57
CA GLY B 100 -6.85 -62.12 18.63
C GLY B 100 -6.36 -61.84 20.04
N ASP B 101 -5.15 -61.30 20.20
CA ASP B 101 -4.57 -61.10 21.52
C ASP B 101 -4.16 -59.65 21.66
N ALA B 102 -4.19 -59.16 22.90
CA ALA B 102 -3.76 -57.80 23.18
C ALA B 102 -2.29 -57.71 23.58
N SER B 103 -1.56 -58.82 23.53
CA SER B 103 -0.19 -58.88 24.05
C SER B 103 0.76 -57.94 23.33
N VAL B 104 0.72 -57.93 22.00
CA VAL B 104 1.62 -57.07 21.23
C VAL B 104 1.20 -55.61 21.34
N LEU B 105 -0.11 -55.37 21.41
CA LEU B 105 -0.63 -54.02 21.55
C LEU B 105 -0.19 -53.36 22.84
N GLU B 106 -0.28 -54.09 23.94
CA GLU B 106 0.12 -53.56 25.24
C GLU B 106 1.62 -53.40 25.36
N ASP B 107 2.38 -54.40 24.88
CA ASP B 107 3.82 -54.44 25.14
C ASP B 107 4.59 -53.40 24.32
N ARG B 108 4.18 -53.12 23.09
CA ARG B 108 4.95 -52.27 22.21
C ARG B 108 4.37 -50.89 22.02
N CYS B 109 3.05 -50.73 22.06
CA CYS B 109 2.43 -49.44 21.78
C CYS B 109 2.02 -48.69 23.03
N LEU B 110 1.47 -49.36 24.03
CA LEU B 110 0.88 -48.69 25.18
C LEU B 110 1.82 -48.58 26.35
N ASN B 111 2.80 -49.47 26.45
CA ASN B 111 3.81 -49.40 27.50
C ASN B 111 4.66 -48.17 27.28
N GLY B 112 4.56 -47.20 28.18
CA GLY B 112 5.37 -46.00 28.12
C GLY B 112 4.75 -44.83 27.42
N LEU B 113 3.52 -44.96 26.94
CA LEU B 113 2.90 -43.88 26.17
C LEU B 113 2.51 -42.71 27.07
N LYS B 114 1.93 -42.99 28.24
CA LYS B 114 1.43 -41.92 29.08
C LYS B 114 2.56 -41.11 29.71
N GLU B 115 3.64 -41.79 30.11
CA GLU B 115 4.82 -41.08 30.61
C GLU B 115 5.43 -40.20 29.54
N THR B 116 5.35 -40.63 28.28
CA THR B 116 5.82 -39.81 27.17
C THR B 116 4.94 -38.58 26.98
N TYR B 117 3.62 -38.76 27.05
CA TYR B 117 2.69 -37.68 26.74
C TYR B 117 2.73 -36.56 27.77
N ILE B 118 2.94 -36.89 29.05
CA ILE B 118 2.96 -35.87 30.09
C ILE B 118 4.17 -34.97 29.93
N ALA B 119 5.31 -35.55 29.55
CA ALA B 119 6.52 -34.77 29.33
C ALA B 119 6.38 -33.82 28.15
N LEU B 120 5.77 -34.28 27.06
CA LEU B 120 5.60 -33.42 25.90
C LEU B 120 4.50 -32.38 26.08
N GLY B 121 3.60 -32.59 27.03
CA GLY B 121 2.48 -31.68 27.19
C GLY B 121 1.27 -32.05 26.38
N VAL B 122 1.22 -33.25 25.83
CA VAL B 122 0.10 -33.70 25.01
C VAL B 122 -1.11 -33.88 25.91
N PRO B 123 -2.25 -33.25 25.61
CA PRO B 123 -3.45 -33.42 26.43
C PRO B 123 -4.01 -34.83 26.29
N THR B 124 -4.11 -35.53 27.41
CA THR B 124 -4.58 -36.91 27.41
C THR B 124 -6.09 -37.02 27.22
N ASN B 125 -6.86 -36.03 27.67
CA ASN B 125 -8.31 -36.14 27.61
C ASN B 125 -8.82 -36.01 26.19
N SER B 126 -8.29 -35.04 25.45
CA SER B 126 -8.65 -34.89 24.04
C SER B 126 -8.09 -36.02 23.20
N SER B 127 -6.95 -36.58 23.59
CA SER B 127 -6.41 -37.75 22.91
C SER B 127 -7.35 -38.94 23.04
N ILE B 128 -8.03 -39.06 24.17
CA ILE B 128 -9.01 -40.12 24.38
C ILE B 128 -10.22 -39.92 23.49
N ARG B 129 -10.57 -38.67 23.19
CA ARG B 129 -11.72 -38.38 22.33
C ARG B 129 -11.52 -38.89 20.92
N ALA B 130 -10.30 -38.76 20.39
CA ALA B 130 -9.99 -39.29 19.07
C ALA B 130 -10.08 -40.80 19.04
N VAL B 131 -9.57 -41.47 20.09
CA VAL B 131 -9.67 -42.91 20.21
C VAL B 131 -11.13 -43.34 20.36
N SER B 132 -11.93 -42.52 21.04
CA SER B 132 -13.36 -42.81 21.15
C SER B 132 -14.06 -42.74 19.80
N ILE B 133 -13.66 -41.81 18.95
CA ILE B 133 -14.28 -41.70 17.62
C ILE B 133 -13.88 -42.88 16.75
N MET B 134 -12.61 -43.29 16.79
CA MET B 134 -12.16 -44.42 15.98
C MET B 134 -12.82 -45.73 16.43
N LYS B 135 -13.09 -45.87 17.72
CA LYS B 135 -13.84 -47.01 18.20
C LYS B 135 -15.28 -46.98 17.68
N ALA B 136 -15.86 -45.79 17.58
CA ALA B 136 -17.18 -45.67 16.99
C ALA B 136 -17.14 -45.99 15.50
N GLN B 137 -16.08 -45.53 14.81
CA GLN B 137 -15.96 -45.77 13.38
C GLN B 137 -15.66 -47.23 13.09
N ALA B 138 -14.93 -47.90 13.98
CA ALA B 138 -14.59 -49.30 13.79
C ALA B 138 -15.82 -50.18 13.80
N VAL B 139 -16.69 -50.01 14.80
CA VAL B 139 -17.83 -50.91 14.96
C VAL B 139 -18.87 -50.67 13.89
N ALA B 140 -18.90 -49.48 13.27
CA ALA B 140 -19.78 -49.27 12.14
C ALA B 140 -19.32 -50.08 10.93
N PHE B 141 -18.01 -50.11 10.70
CA PHE B 141 -17.47 -50.80 9.53
C PHE B 141 -17.56 -52.31 9.68
N ILE B 142 -17.31 -52.81 10.88
CA ILE B 142 -17.37 -54.25 11.14
C ILE B 142 -18.79 -54.77 11.02
N THR B 143 -19.75 -54.01 11.54
CA THR B 143 -21.15 -54.43 11.48
C THR B 143 -21.88 -53.90 10.26
N ASN B 144 -21.18 -53.20 9.36
CA ASN B 144 -21.71 -52.71 8.06
C ASN B 144 -22.88 -51.76 8.24
N THR B 145 -22.88 -51.02 9.34
CA THR B 145 -23.97 -50.10 9.66
C THR B 145 -23.64 -48.64 9.34
N ALA B 146 -22.59 -48.40 8.56
CA ALA B 146 -22.20 -47.03 8.25
C ALA B 146 -23.21 -46.37 7.32
N THR B 147 -23.50 -45.09 7.59
CA THR B 147 -24.57 -44.41 6.87
C THR B 147 -24.14 -43.90 5.51
N GLU B 148 -22.84 -43.75 5.28
CA GLU B 148 -22.37 -43.20 4.02
C GLU B 148 -21.79 -44.25 3.08
N ARG B 149 -21.33 -45.38 3.61
CA ARG B 149 -20.59 -46.34 2.82
C ARG B 149 -21.00 -47.73 3.24
N LYS B 150 -20.93 -48.68 2.31
CA LYS B 150 -21.29 -50.06 2.57
C LYS B 150 -20.20 -50.97 2.04
N MET B 151 -20.16 -52.18 2.60
CA MET B 151 -19.31 -53.25 2.10
C MET B 151 -20.16 -54.48 1.84
N SER B 152 -19.65 -55.35 0.98
CA SER B 152 -20.37 -56.56 0.58
C SER B 152 -19.85 -57.73 1.41
N PHE B 153 -20.75 -58.40 2.11
CA PHE B 153 -20.37 -59.47 3.01
C PHE B 153 -21.29 -60.66 2.82
N ALA B 154 -20.75 -61.84 3.13
CA ALA B 154 -21.60 -63.00 3.31
C ALA B 154 -22.52 -62.76 4.50
N ALA B 155 -23.79 -63.15 4.35
CA ALA B 155 -24.80 -62.91 5.37
C ALA B 155 -24.46 -63.62 6.67
N GLY B 156 -24.58 -62.89 7.76
CA GLY B 156 -24.27 -63.45 9.06
C GLY B 156 -24.10 -62.34 10.08
N ASP B 157 -23.61 -62.73 11.26
CA ASP B 157 -23.55 -61.85 12.42
C ASP B 157 -22.13 -61.80 12.95
N CYS B 158 -21.57 -60.60 13.04
CA CYS B 158 -20.22 -60.37 13.55
C CYS B 158 -20.21 -59.60 14.87
N THR B 159 -21.28 -59.68 15.65
CA THR B 159 -21.38 -58.90 16.89
C THR B 159 -20.33 -59.28 17.92
N SER B 160 -19.85 -60.53 17.90
CA SER B 160 -18.81 -60.94 18.82
C SER B 160 -17.50 -60.24 18.53
N LEU B 161 -17.16 -60.10 17.23
CA LEU B 161 -15.90 -59.49 16.84
C LEU B 161 -15.90 -57.99 17.08
N ALA B 162 -17.01 -57.32 16.79
CA ALA B 162 -17.11 -55.88 17.00
C ALA B 162 -17.04 -55.52 18.47
N SER B 163 -17.52 -56.41 19.34
CA SER B 163 -17.34 -56.21 20.77
C SER B 163 -15.87 -56.30 21.17
N GLU B 164 -15.11 -57.18 20.51
CA GLU B 164 -13.70 -57.37 20.84
C GLU B 164 -12.86 -56.17 20.44
N VAL B 165 -13.17 -55.54 19.31
CA VAL B 165 -12.42 -54.36 18.85
C VAL B 165 -12.64 -53.20 19.80
N ALA B 166 -13.86 -53.08 20.33
CA ALA B 166 -14.15 -52.07 21.34
C ALA B 166 -13.31 -52.26 22.59
N SER B 167 -13.05 -53.52 22.97
CA SER B 167 -12.23 -53.78 24.15
C SER B 167 -10.79 -53.37 23.93
N TYR B 168 -10.28 -53.54 22.71
CA TYR B 168 -8.90 -53.16 22.41
C TYR B 168 -8.70 -51.65 22.41
N PHE B 169 -9.72 -50.90 21.98
CA PHE B 169 -9.64 -49.45 22.07
C PHE B 169 -9.67 -48.98 23.52
N ASP B 170 -10.33 -49.73 24.38
CA ASP B 170 -10.40 -49.31 25.78
C ASP B 170 -9.10 -49.57 26.52
N ARG B 171 -8.26 -50.46 26.02
CA ARG B 171 -6.92 -50.60 26.58
C ARG B 171 -6.08 -49.38 26.29
N VAL B 172 -6.31 -48.75 25.14
CA VAL B 172 -5.69 -47.47 24.82
C VAL B 172 -6.16 -46.41 25.79
N GLY B 173 -7.47 -46.32 26.01
CA GLY B 173 -8.01 -45.29 26.89
C GLY B 173 -7.60 -45.46 28.33
N ALA B 174 -7.55 -46.71 28.80
CA ALA B 174 -7.11 -46.98 30.16
C ALA B 174 -5.65 -46.61 30.36
N ALA B 175 -4.80 -46.90 29.38
CA ALA B 175 -3.36 -46.65 29.51
C ALA B 175 -3.01 -45.17 29.54
N ILE B 176 -3.89 -44.30 29.03
CA ILE B 176 -3.63 -42.86 29.00
C ILE B 176 -4.38 -42.18 30.13
N SER B 177 -5.41 -42.83 30.64
CA SER B 177 -6.05 -42.34 31.87
C SER B 177 -5.18 -42.65 33.09
N MET C 1 -8.72 -8.49 17.34
CA MET C 1 -8.13 -9.82 17.28
C MET C 1 -8.63 -10.54 16.04
N LEU C 2 -7.84 -11.48 15.55
CA LEU C 2 -8.20 -12.29 14.40
C LEU C 2 -9.16 -13.40 14.80
N ASP C 3 -9.54 -14.22 13.84
CA ASP C 3 -10.20 -15.48 14.12
C ASP C 3 -9.23 -16.62 13.88
N ALA C 4 -9.77 -17.84 13.86
CA ALA C 4 -8.94 -19.01 13.61
C ALA C 4 -8.44 -19.02 12.17
N PHE C 5 -9.24 -18.52 11.23
CA PHE C 5 -8.87 -18.65 9.83
C PHE C 5 -7.84 -17.61 9.42
N SER C 6 -8.12 -16.33 9.69
CA SER C 6 -7.21 -15.26 9.27
C SER C 6 -5.87 -15.33 9.98
N ARG C 7 -5.81 -15.99 11.14
CA ARG C 7 -4.54 -16.18 11.83
C ARG C 7 -3.62 -17.11 11.05
N VAL C 8 -4.17 -18.12 10.39
CA VAL C 8 -3.29 -18.99 9.61
C VAL C 8 -2.94 -18.34 8.28
N VAL C 9 -3.78 -17.43 7.79
CA VAL C 9 -3.50 -16.85 6.49
C VAL C 9 -2.47 -15.74 6.60
N VAL C 10 -2.30 -15.12 7.77
CA VAL C 10 -1.24 -14.13 7.90
C VAL C 10 0.10 -14.82 8.13
N ASN C 11 0.08 -16.08 8.58
CA ASN C 11 1.30 -16.89 8.83
C ASN C 11 1.87 -17.46 7.51
N SER C 12 1.12 -17.35 6.40
CA SER C 12 1.49 -17.80 5.02
C SER C 12 1.54 -19.33 5.01
N ASP C 13 0.65 -19.95 5.80
CA ASP C 13 0.52 -21.42 5.95
C ASP C 13 -0.37 -21.93 4.81
N ALA C 14 -1.57 -21.36 4.68
CA ALA C 14 -2.57 -21.70 3.65
C ALA C 14 -3.36 -20.42 3.28
N LYS C 15 -3.74 -20.24 2.00
CA LYS C 15 -4.50 -19.05 1.62
C LYS C 15 -5.97 -19.34 1.44
N ALA C 16 -6.38 -20.60 1.42
CA ALA C 16 -7.76 -20.94 1.15
C ALA C 16 -8.15 -22.15 1.97
N ALA C 17 -9.44 -22.25 2.26
CA ALA C 17 -10.00 -23.40 2.92
C ALA C 17 -11.47 -23.48 2.56
N TYR C 18 -12.05 -24.66 2.76
CA TYR C 18 -13.47 -24.83 2.51
C TYR C 18 -14.08 -25.66 3.61
N VAL C 19 -15.32 -25.35 3.96
CA VAL C 19 -16.14 -26.18 4.83
C VAL C 19 -17.25 -26.74 3.98
N GLY C 20 -17.34 -28.06 3.93
CA GLY C 20 -18.33 -28.67 3.05
C GLY C 20 -18.57 -30.11 3.41
N GLY C 21 -19.57 -30.68 2.73
CA GLY C 21 -19.90 -32.07 2.95
C GLY C 21 -20.71 -32.25 4.21
N SER C 22 -20.32 -33.22 5.02
CA SER C 22 -21.00 -33.42 6.30
C SER C 22 -20.61 -32.37 7.33
N ASP C 23 -19.37 -31.88 7.27
CA ASP C 23 -18.88 -30.89 8.22
C ASP C 23 -19.62 -29.57 8.10
N LEU C 24 -20.08 -29.24 6.88
CA LEU C 24 -20.96 -28.10 6.71
C LEU C 24 -22.29 -28.32 7.40
N GLN C 25 -22.84 -29.52 7.30
CA GLN C 25 -24.14 -29.81 7.91
C GLN C 25 -24.07 -29.79 9.42
N ALA C 26 -22.91 -30.10 10.00
CA ALA C 26 -22.71 -29.94 11.43
C ALA C 26 -22.58 -28.48 11.80
N LEU C 27 -22.02 -27.66 10.91
CA LEU C 27 -21.94 -26.23 11.16
C LEU C 27 -23.32 -25.58 11.19
N LYS C 28 -24.27 -26.12 10.41
CA LYS C 28 -25.62 -25.58 10.40
C LYS C 28 -26.31 -25.74 11.75
N SER C 29 -26.00 -26.81 12.47
CA SER C 29 -26.65 -27.09 13.75
C SER C 29 -26.33 -26.04 14.80
N PHE C 30 -25.14 -25.47 14.75
CA PHE C 30 -24.68 -24.54 15.75
C PHE C 30 -24.98 -23.10 15.41
N ILE C 31 -25.78 -22.85 14.38
CA ILE C 31 -26.12 -21.49 13.98
C ILE C 31 -27.62 -21.40 13.79
N ALA C 32 -28.22 -20.32 14.30
CA ALA C 32 -29.58 -19.96 13.93
C ALA C 32 -29.55 -19.16 12.63
N ASP C 33 -30.60 -19.33 11.82
CA ASP C 33 -30.71 -18.77 10.47
C ASP C 33 -29.55 -19.17 9.57
N GLY C 34 -29.08 -20.42 9.73
CA GLY C 34 -27.91 -20.87 9.02
C GLY C 34 -28.06 -20.89 7.52
N ASN C 35 -29.20 -21.37 7.04
CA ASN C 35 -29.50 -21.27 5.61
C ASN C 35 -29.70 -19.81 5.21
N LYS C 36 -30.30 -19.01 6.09
CA LYS C 36 -30.55 -17.61 5.79
C LYS C 36 -29.26 -16.82 5.66
N ARG C 37 -28.29 -17.07 6.57
CA ARG C 37 -27.06 -16.28 6.57
C ARG C 37 -26.21 -16.57 5.34
N LEU C 38 -26.12 -17.84 4.95
CA LEU C 38 -25.40 -18.20 3.73
C LEU C 38 -26.12 -17.67 2.49
N ASP C 39 -27.44 -17.47 2.57
CA ASP C 39 -28.19 -16.91 1.45
C ASP C 39 -27.94 -15.42 1.31
N ALA C 40 -27.74 -14.73 2.42
CA ALA C 40 -27.49 -13.29 2.35
C ALA C 40 -26.09 -13.00 1.83
N VAL C 41 -25.14 -13.88 2.12
CA VAL C 41 -23.77 -13.73 1.60
C VAL C 41 -23.76 -13.94 0.10
N ASN C 42 -24.56 -14.91 -0.38
CA ASN C 42 -24.70 -15.19 -1.80
C ASN C 42 -25.23 -14.00 -2.57
N SER C 43 -26.15 -13.24 -1.97
CA SER C 43 -26.72 -12.08 -2.64
C SER C 43 -25.71 -10.96 -2.80
N ILE C 44 -24.75 -10.86 -1.89
CA ILE C 44 -23.71 -9.84 -2.02
C ILE C 44 -22.63 -10.28 -2.98
N VAL C 45 -22.12 -11.51 -2.81
CA VAL C 45 -20.96 -12.00 -3.54
C VAL C 45 -21.27 -12.15 -5.03
N SER C 46 -22.48 -12.60 -5.36
CA SER C 46 -22.86 -12.75 -6.76
C SER C 46 -23.08 -11.41 -7.48
N ASN C 47 -23.12 -10.31 -6.75
CA ASN C 47 -23.25 -8.99 -7.34
C ASN C 47 -22.07 -8.09 -7.01
N ALA C 48 -20.92 -8.65 -6.64
CA ALA C 48 -19.79 -7.88 -6.15
C ALA C 48 -19.23 -6.94 -7.21
N SER C 49 -19.20 -7.40 -8.47
CA SER C 49 -18.68 -6.59 -9.56
C SER C 49 -19.58 -5.41 -9.85
N CYS C 50 -20.89 -5.64 -9.95
CA CYS C 50 -21.82 -4.59 -10.30
C CYS C 50 -21.96 -3.56 -9.18
N MET C 51 -21.85 -4.01 -7.93
CA MET C 51 -22.02 -3.11 -6.79
C MET C 51 -20.91 -2.07 -6.72
N VAL C 52 -19.66 -2.50 -6.90
CA VAL C 52 -18.52 -1.59 -6.80
C VAL C 52 -18.52 -0.60 -7.96
N SER C 53 -18.78 -1.09 -9.16
CA SER C 53 -18.84 -0.24 -10.35
C SER C 53 -19.96 0.79 -10.24
N ASP C 54 -21.07 0.42 -9.62
CA ASP C 54 -22.15 1.37 -9.37
C ASP C 54 -21.74 2.41 -8.34
N ALA C 55 -20.96 2.00 -7.33
CA ALA C 55 -20.65 2.87 -6.22
C ALA C 55 -19.72 4.01 -6.61
N VAL C 56 -18.62 3.68 -7.30
CA VAL C 56 -17.64 4.70 -7.63
C VAL C 56 -18.16 5.62 -8.74
N SER C 57 -18.95 5.08 -9.66
CA SER C 57 -19.59 5.90 -10.67
C SER C 57 -20.63 6.83 -10.06
N GLY C 58 -21.34 6.36 -9.03
CA GLY C 58 -22.26 7.22 -8.31
C GLY C 58 -21.54 8.31 -7.56
N MET C 59 -20.34 8.01 -7.06
CA MET C 59 -19.49 9.02 -6.43
C MET C 59 -19.07 10.09 -7.44
N ILE C 60 -18.89 9.69 -8.71
CA ILE C 60 -18.58 10.64 -9.77
C ILE C 60 -19.80 11.53 -10.06
N CYS C 61 -20.99 10.93 -10.11
CA CYS C 61 -22.21 11.70 -10.33
C CYS C 61 -22.47 12.68 -9.20
N GLU C 62 -22.25 12.24 -7.96
CA GLU C 62 -22.52 13.06 -6.78
C GLU C 62 -21.56 14.23 -6.68
N ASN C 63 -20.32 14.04 -7.11
CA ASN C 63 -19.32 15.10 -7.19
C ASN C 63 -18.42 14.86 -8.39
N PRO C 64 -18.51 15.70 -9.44
CA PRO C 64 -17.71 15.48 -10.63
C PRO C 64 -16.24 15.86 -10.48
N GLY C 65 -15.86 16.49 -9.36
CA GLY C 65 -14.51 17.01 -9.19
C GLY C 65 -13.42 15.97 -9.06
N LEU C 66 -13.78 14.70 -8.87
CA LEU C 66 -12.77 13.66 -8.70
C LEU C 66 -12.05 13.35 -10.00
N ILE C 67 -12.72 13.47 -11.15
CA ILE C 67 -12.06 13.35 -12.44
C ILE C 67 -11.84 14.70 -13.08
N SER C 68 -11.76 15.76 -12.29
CA SER C 68 -11.30 17.04 -12.81
C SER C 68 -9.82 16.95 -13.17
N PRO C 69 -9.39 17.71 -14.17
CA PRO C 69 -7.95 17.99 -14.30
C PRO C 69 -7.40 18.60 -13.02
N GLY C 70 -6.40 17.93 -12.44
CA GLY C 70 -5.99 18.22 -11.09
C GLY C 70 -6.80 17.52 -10.01
N GLY C 71 -7.66 16.57 -10.37
CA GLY C 71 -8.45 15.83 -9.40
C GLY C 71 -7.70 14.68 -8.75
N CYS C 73 -9.07 11.16 -9.35
CA CYS C 73 -9.34 9.97 -10.14
C CYS C 73 -8.93 10.22 -11.61
N TYR C 74 -8.23 11.33 -11.85
CA TYR C 74 -7.43 11.59 -13.05
C TYR C 74 -6.20 10.67 -13.06
N THR C 75 -5.70 10.33 -14.25
CA THR C 75 -4.80 9.19 -14.53
C THR C 75 -5.48 7.84 -14.31
N ASN C 76 -5.11 6.86 -15.12
CA ASN C 76 -5.80 5.57 -15.15
C ASN C 76 -5.53 4.71 -13.93
N ARG C 77 -4.43 4.89 -13.21
CA ARG C 77 -4.07 4.02 -12.08
C ARG C 77 -4.86 4.39 -10.83
N ARG C 78 -4.98 5.69 -10.55
CA ARG C 78 -5.74 6.16 -9.39
C ARG C 78 -7.21 5.75 -9.47
N MET C 79 -7.79 5.82 -10.66
CA MET C 79 -9.13 5.27 -10.87
C MET C 79 -9.15 3.78 -10.59
N ALA C 80 -8.13 3.06 -11.08
CA ALA C 80 -8.05 1.63 -10.84
C ALA C 80 -7.82 1.32 -9.37
N ALA C 81 -7.11 2.20 -8.66
CA ALA C 81 -6.97 2.02 -7.21
C ALA C 81 -8.29 2.29 -6.51
N CYS C 82 -9.12 3.18 -7.05
CA CYS C 82 -10.42 3.46 -6.46
C CYS C 82 -11.34 2.25 -6.58
N LEU C 83 -11.36 1.64 -7.76
CA LEU C 83 -12.14 0.43 -7.96
C LEU C 83 -11.61 -0.73 -7.13
N ARG C 84 -10.28 -0.81 -6.96
CA ARG C 84 -9.69 -1.87 -6.16
C ARG C 84 -10.06 -1.75 -4.70
N ASP C 85 -9.99 -0.54 -4.15
CA ASP C 85 -10.30 -0.34 -2.74
C ASP C 85 -11.78 -0.60 -2.46
N GLY C 86 -12.66 -0.14 -3.34
CA GLY C 86 -14.08 -0.42 -3.19
C GLY C 86 -14.40 -1.90 -3.28
N GLU C 87 -13.66 -2.64 -4.11
CA GLU C 87 -13.81 -4.08 -4.12
C GLU C 87 -13.27 -4.71 -2.84
N ILE C 88 -12.13 -4.21 -2.35
CA ILE C 88 -11.51 -4.76 -1.15
C ILE C 88 -12.39 -4.51 0.07
N ILE C 89 -12.95 -3.30 0.18
CA ILE C 89 -13.82 -2.93 1.29
C ILE C 89 -15.05 -3.82 1.33
N LEU C 90 -15.63 -4.07 0.15
CA LEU C 90 -16.88 -4.82 0.05
C LEU C 90 -16.70 -6.28 0.46
N ARG C 91 -15.56 -6.88 0.14
CA ARG C 91 -15.40 -8.31 0.37
C ARG C 91 -15.23 -8.64 1.84
N TYR C 92 -14.66 -7.72 2.62
CA TYR C 92 -14.55 -7.93 4.06
C TYR C 92 -15.90 -7.88 4.74
N VAL C 93 -16.79 -6.99 4.29
CA VAL C 93 -18.15 -6.94 4.82
C VAL C 93 -18.91 -8.21 4.48
N SER C 94 -18.63 -8.82 3.34
CA SER C 94 -19.25 -10.08 3.00
C SER C 94 -18.75 -11.22 3.88
N TYR C 95 -17.48 -11.15 4.30
CA TYR C 95 -16.96 -12.14 5.22
C TYR C 95 -17.45 -11.89 6.64
N ALA C 96 -17.59 -10.62 7.02
CA ALA C 96 -18.11 -10.27 8.33
C ALA C 96 -19.57 -10.71 8.48
N LEU C 97 -20.32 -10.71 7.39
CA LEU C 97 -21.67 -11.27 7.44
C LEU C 97 -21.64 -12.76 7.62
N LEU C 98 -20.66 -13.44 7.01
CA LEU C 98 -20.60 -14.90 7.06
C LEU C 98 -20.30 -15.40 8.47
N ALA C 99 -19.28 -14.84 9.11
CA ALA C 99 -18.93 -15.29 10.46
C ALA C 99 -19.65 -14.51 11.55
N GLY C 100 -20.37 -13.45 11.21
CA GLY C 100 -21.05 -12.66 12.22
C GLY C 100 -20.11 -11.93 13.17
N ASP C 101 -18.96 -11.49 12.67
CA ASP C 101 -17.93 -10.89 13.51
C ASP C 101 -17.24 -9.79 12.74
N ALA C 102 -17.18 -8.60 13.34
CA ALA C 102 -16.49 -7.47 12.72
C ALA C 102 -14.99 -7.46 12.98
N SER C 103 -14.48 -8.44 13.73
CA SER C 103 -13.12 -8.36 14.27
C SER C 103 -12.05 -8.43 13.17
N VAL C 104 -12.19 -9.37 12.24
CA VAL C 104 -11.24 -9.47 11.13
C VAL C 104 -11.38 -8.28 10.20
N LEU C 105 -12.62 -7.83 10.01
CA LEU C 105 -12.88 -6.57 9.30
C LEU C 105 -12.20 -5.39 9.99
N GLU C 106 -12.24 -5.35 11.32
CA GLU C 106 -11.67 -4.19 12.00
C GLU C 106 -10.16 -4.28 12.13
N ASP C 107 -9.63 -5.47 12.42
CA ASP C 107 -8.20 -5.57 12.72
C ASP C 107 -7.35 -5.53 11.45
N ARG C 108 -7.79 -6.21 10.39
CA ARG C 108 -6.99 -6.28 9.18
C ARG C 108 -7.23 -5.09 8.27
N CYS C 109 -8.50 -4.79 7.98
CA CYS C 109 -8.81 -3.78 6.97
C CYS C 109 -8.93 -2.38 7.55
N LEU C 110 -9.74 -2.21 8.60
CA LEU C 110 -10.09 -0.86 9.02
C LEU C 110 -8.98 -0.18 9.79
N ASN C 111 -8.09 -0.96 10.43
CA ASN C 111 -6.99 -0.46 11.25
C ASN C 111 -6.06 0.45 10.46
N GLY C 112 -5.98 1.72 10.85
CA GLY C 112 -5.05 2.66 10.25
C GLY C 112 -5.39 3.11 8.85
N LEU C 113 -6.60 2.80 8.37
CA LEU C 113 -6.99 3.16 7.01
C LEU C 113 -7.12 4.67 6.85
N LYS C 114 -7.53 5.36 7.91
CA LYS C 114 -7.74 6.80 7.83
C LYS C 114 -6.43 7.56 7.67
N GLU C 115 -5.44 7.25 8.50
CA GLU C 115 -4.17 7.96 8.46
C GLU C 115 -3.39 7.64 7.18
N THR C 116 -3.59 6.47 6.61
CA THR C 116 -3.12 6.19 5.25
C THR C 116 -3.75 7.15 4.25
N TYR C 117 -5.07 7.29 4.32
CA TYR C 117 -5.81 8.12 3.36
C TYR C 117 -5.44 9.58 3.49
N ILE C 118 -5.17 10.04 4.71
CA ILE C 118 -4.69 11.39 4.92
C ILE C 118 -3.29 11.56 4.36
N ALA C 119 -2.45 10.53 4.48
CA ALA C 119 -1.11 10.57 3.91
C ALA C 119 -1.13 10.61 2.39
N LEU C 120 -2.07 9.90 1.77
CA LEU C 120 -2.22 9.96 0.33
C LEU C 120 -2.98 11.20 -0.14
N GLY C 121 -3.58 11.95 0.77
CA GLY C 121 -4.43 13.03 0.38
C GLY C 121 -5.74 12.60 -0.24
N VAL C 122 -6.16 11.36 0.03
CA VAL C 122 -7.46 10.86 -0.43
C VAL C 122 -8.56 11.68 0.23
N PRO C 123 -9.54 12.18 -0.55
CA PRO C 123 -10.69 12.84 0.08
C PRO C 123 -11.53 11.83 0.85
N THR C 124 -11.49 11.93 2.17
CA THR C 124 -12.16 10.95 3.00
C THR C 124 -13.68 11.13 2.97
N ASN C 125 -14.16 12.33 2.66
CA ASN C 125 -15.59 12.56 2.61
C ASN C 125 -16.23 11.81 1.45
N SER C 126 -15.52 11.68 0.33
CA SER C 126 -16.05 11.00 -0.85
C SER C 126 -15.91 9.51 -0.75
N SER C 127 -14.92 9.03 -0.01
CA SER C 127 -14.77 7.61 0.24
C SER C 127 -15.91 7.11 1.13
N ILE C 128 -16.38 7.96 2.04
CA ILE C 128 -17.62 7.73 2.77
C ILE C 128 -18.77 7.49 1.81
N ARG C 129 -18.88 8.35 0.80
CA ARG C 129 -20.02 8.28 -0.12
C ARG C 129 -19.98 7.02 -0.97
N ALA C 130 -18.79 6.49 -1.24
CA ALA C 130 -18.71 5.20 -1.92
C ALA C 130 -19.23 4.08 -1.02
N VAL C 131 -18.75 4.02 0.23
CA VAL C 131 -19.13 2.91 1.09
C VAL C 131 -20.54 3.08 1.63
N SER C 132 -21.08 4.30 1.60
CA SER C 132 -22.48 4.46 1.96
C SER C 132 -23.41 4.14 0.80
N ILE C 133 -22.96 4.30 -0.44
CA ILE C 133 -23.72 3.79 -1.59
C ILE C 133 -23.72 2.27 -1.57
N MET C 134 -22.56 1.68 -1.24
CA MET C 134 -22.44 0.22 -1.22
C MET C 134 -23.30 -0.40 -0.13
N LYS C 135 -23.57 0.35 0.94
CA LYS C 135 -24.53 -0.07 1.95
C LYS C 135 -25.92 -0.20 1.35
N ALA C 136 -26.34 0.81 0.58
CA ALA C 136 -27.70 0.89 0.07
C ALA C 136 -28.03 -0.27 -0.87
N GLN C 137 -27.06 -0.71 -1.67
CA GLN C 137 -27.31 -1.82 -2.56
C GLN C 137 -27.36 -3.15 -1.80
N ALA C 138 -26.60 -3.25 -0.71
CA ALA C 138 -26.57 -4.48 0.07
C ALA C 138 -27.90 -4.74 0.74
N VAL C 139 -28.46 -3.73 1.43
CA VAL C 139 -29.74 -3.88 2.09
C VAL C 139 -30.86 -4.08 1.08
N ALA C 140 -30.73 -3.47 -0.10
CA ALA C 140 -31.71 -3.67 -1.16
C ALA C 140 -31.65 -5.09 -1.71
N PHE C 141 -30.45 -5.64 -1.84
CA PHE C 141 -30.30 -6.99 -2.37
C PHE C 141 -30.82 -8.04 -1.40
N ILE C 142 -30.55 -7.86 -0.11
CA ILE C 142 -30.86 -8.88 0.89
C ILE C 142 -32.36 -9.01 1.09
N THR C 143 -33.05 -7.88 1.20
CA THR C 143 -34.50 -7.89 1.34
C THR C 143 -35.23 -8.21 0.04
N ASN C 144 -34.49 -8.41 -1.05
CA ASN C 144 -35.00 -8.74 -2.39
C ASN C 144 -35.89 -7.66 -2.98
N THR C 145 -35.74 -6.42 -2.51
CA THR C 145 -36.46 -5.30 -3.12
C THR C 145 -35.70 -4.66 -4.26
N ALA C 146 -34.54 -5.20 -4.63
CA ALA C 146 -33.73 -4.70 -5.74
C ALA C 146 -34.52 -4.68 -7.03
N THR C 147 -34.54 -3.51 -7.68
CA THR C 147 -35.44 -3.29 -8.81
C THR C 147 -35.03 -4.11 -10.03
N GLU C 148 -33.74 -4.11 -10.34
CA GLU C 148 -33.30 -4.58 -11.64
C GLU C 148 -33.05 -6.08 -11.68
N ARG C 149 -32.39 -6.63 -10.66
CA ARG C 149 -32.14 -8.07 -10.58
C ARG C 149 -32.91 -8.64 -9.40
N LYS C 150 -33.79 -9.61 -9.68
CA LYS C 150 -34.59 -10.27 -8.67
C LYS C 150 -34.06 -11.68 -8.43
N MET C 151 -33.80 -12.01 -7.17
CA MET C 151 -33.36 -13.35 -6.80
C MET C 151 -34.56 -14.20 -6.37
N SER C 152 -34.37 -15.51 -6.48
CA SER C 152 -35.41 -16.47 -6.11
C SER C 152 -35.05 -17.05 -4.74
N PHE C 153 -35.97 -16.90 -3.79
CA PHE C 153 -35.71 -17.25 -2.41
C PHE C 153 -36.91 -18.01 -1.87
N ALA C 154 -36.65 -18.92 -0.93
CA ALA C 154 -37.72 -19.42 -0.08
C ALA C 154 -38.18 -18.30 0.85
N ALA C 155 -39.48 -18.24 1.07
CA ALA C 155 -40.07 -17.09 1.76
C ALA C 155 -39.72 -17.04 3.24
N GLY C 156 -39.63 -15.83 3.76
CA GLY C 156 -39.36 -15.61 5.18
C GLY C 156 -39.07 -14.15 5.43
N ASP C 157 -38.57 -13.87 6.64
CA ASP C 157 -38.17 -12.52 7.03
C ASP C 157 -36.65 -12.43 7.08
N CYS C 158 -36.11 -11.35 6.51
CA CYS C 158 -34.67 -11.10 6.52
C CYS C 158 -34.35 -9.68 6.98
N THR C 159 -35.20 -9.08 7.82
CA THR C 159 -34.92 -7.78 8.41
C THR C 159 -33.65 -7.81 9.27
N SER C 160 -33.44 -8.93 9.97
CA SER C 160 -32.35 -9.05 10.93
C SER C 160 -30.99 -8.98 10.25
N LEU C 161 -30.81 -9.73 9.16
CA LEU C 161 -29.57 -9.64 8.40
C LEU C 161 -29.45 -8.32 7.66
N ALA C 162 -30.58 -7.73 7.26
CA ALA C 162 -30.55 -6.41 6.64
C ALA C 162 -30.05 -5.33 7.60
N SER C 163 -30.54 -5.37 8.85
CA SER C 163 -30.06 -4.44 9.86
C SER C 163 -28.62 -4.74 10.27
N GLU C 164 -28.19 -5.99 10.14
CA GLU C 164 -26.84 -6.37 10.52
C GLU C 164 -25.80 -5.78 9.58
N VAL C 165 -26.07 -5.83 8.27
CA VAL C 165 -25.11 -5.37 7.27
C VAL C 165 -24.92 -3.87 7.34
N ALA C 166 -26.01 -3.14 7.61
CA ALA C 166 -25.94 -1.68 7.72
C ALA C 166 -25.03 -1.24 8.86
N SER C 167 -24.97 -2.05 9.93
CA SER C 167 -24.03 -1.76 11.02
C SER C 167 -22.59 -1.89 10.57
N TYR C 168 -22.30 -2.91 9.76
CA TYR C 168 -20.93 -3.17 9.33
C TYR C 168 -20.39 -2.07 8.44
N PHE C 169 -21.20 -1.62 7.47
CA PHE C 169 -20.82 -0.49 6.63
C PHE C 169 -20.65 0.78 7.43
N ASP C 170 -21.54 1.01 8.41
CA ASP C 170 -21.45 2.19 9.27
C ASP C 170 -20.18 2.20 10.09
N ARG C 171 -19.65 1.03 10.44
CA ARG C 171 -18.39 0.96 11.16
C ARG C 171 -17.23 1.37 10.26
N VAL C 172 -17.27 0.97 9.00
CA VAL C 172 -16.26 1.39 8.03
C VAL C 172 -16.30 2.89 7.85
N GLY C 173 -17.50 3.46 7.79
CA GLY C 173 -17.65 4.91 7.74
C GLY C 173 -17.05 5.61 8.94
N ALA C 174 -17.13 4.99 10.11
CA ALA C 174 -16.60 5.61 11.32
C ALA C 174 -15.08 5.66 11.32
N ALA C 175 -14.43 4.56 10.91
CA ALA C 175 -12.97 4.54 10.86
C ALA C 175 -12.44 5.48 9.79
N ILE C 176 -13.12 5.53 8.64
CA ILE C 176 -12.69 6.37 7.53
C ILE C 176 -13.08 7.84 7.76
N SER C 177 -13.92 8.12 8.74
CA SER C 177 -14.43 9.47 9.01
C SER C 177 -13.34 10.49 9.32
N MET D 1 32.18 40.11 -30.23
CA MET D 1 31.51 40.03 -28.89
C MET D 1 30.46 41.13 -28.65
N LEU D 2 30.75 42.42 -28.85
CA LEU D 2 29.82 43.51 -28.51
C LEU D 2 28.53 43.48 -29.35
N ASP D 3 28.58 43.03 -30.60
CA ASP D 3 27.39 42.78 -31.41
C ASP D 3 26.48 41.70 -30.79
N ALA D 4 27.06 40.60 -30.29
CA ALA D 4 26.30 39.56 -29.59
C ALA D 4 25.69 40.07 -28.28
N PHE D 5 26.35 41.04 -27.65
CA PHE D 5 25.80 41.69 -26.43
C PHE D 5 24.51 42.43 -26.82
N SER D 6 24.56 43.19 -27.93
CA SER D 6 23.40 43.92 -28.45
C SER D 6 22.25 42.97 -28.80
N ARG D 7 22.54 41.80 -29.38
CA ARG D 7 21.54 40.74 -29.60
C ARG D 7 20.98 40.19 -28.28
N VAL D 8 21.80 39.99 -27.25
CA VAL D 8 21.32 39.54 -25.93
C VAL D 8 20.29 40.51 -25.34
N VAL D 9 20.52 41.83 -25.39
CA VAL D 9 19.53 42.80 -24.88
C VAL D 9 18.30 42.96 -25.80
N VAL D 10 18.44 42.82 -27.12
CA VAL D 10 17.33 43.02 -28.08
C VAL D 10 16.45 41.77 -28.34
N ASN D 11 17.09 40.61 -28.47
CA ASN D 11 16.39 39.34 -28.78
C ASN D 11 15.55 38.89 -27.57
N SER D 12 14.47 38.14 -27.82
CA SER D 12 13.59 37.62 -26.75
C SER D 12 14.01 36.19 -26.38
N ASP D 13 14.89 35.60 -27.19
CA ASP D 13 15.39 34.22 -26.95
C ASP D 13 16.92 34.24 -26.94
N ALA D 14 17.51 35.01 -26.01
CA ALA D 14 18.99 35.12 -25.91
C ALA D 14 19.46 34.62 -24.54
N LYS D 15 20.39 33.66 -24.54
CA LYS D 15 20.93 33.11 -23.27
C LYS D 15 21.65 34.22 -22.50
N ALA D 16 21.21 34.49 -21.26
CA ALA D 16 21.81 35.54 -20.42
C ALA D 16 23.33 35.36 -20.38
N ALA D 17 24.07 36.33 -20.93
CA ALA D 17 25.53 36.28 -20.94
C ALA D 17 26.16 36.34 -19.54
N TYR D 18 27.02 35.37 -19.24
CA TYR D 18 28.01 35.41 -18.17
C TYR D 18 29.41 35.54 -18.78
N VAL D 19 30.23 36.46 -18.26
CA VAL D 19 31.57 36.77 -18.75
C VAL D 19 32.56 36.73 -17.57
N GLY D 20 33.65 35.99 -17.69
CA GLY D 20 34.65 35.84 -16.62
C GLY D 20 36.00 35.36 -17.15
N GLY D 21 37.06 35.52 -16.35
CA GLY D 21 38.42 35.10 -16.70
C GLY D 21 38.88 35.61 -18.06
N SER D 22 39.35 34.71 -18.93
CA SER D 22 39.82 35.03 -20.29
C SER D 22 38.77 35.73 -21.16
N ASP D 23 37.48 35.44 -20.99
CA ASP D 23 36.42 36.17 -21.72
C ASP D 23 36.23 37.60 -21.21
N LEU D 24 36.45 37.85 -19.92
CA LEU D 24 36.44 39.21 -19.37
C LEU D 24 37.66 40.00 -19.84
N GLN D 25 38.83 39.37 -19.97
CA GLN D 25 40.03 39.96 -20.57
C GLN D 25 39.82 40.26 -22.07
N ALA D 26 39.14 39.38 -22.80
CA ALA D 26 38.74 39.64 -24.18
C ALA D 26 37.80 40.87 -24.25
N LEU D 27 36.76 40.93 -23.42
CA LEU D 27 35.85 42.08 -23.35
C LEU D 27 36.60 43.40 -23.07
N LYS D 28 37.53 43.39 -22.11
CA LYS D 28 38.40 44.54 -21.79
C LYS D 28 39.24 45.01 -22.97
N SER D 29 39.68 44.08 -23.84
CA SER D 29 40.39 44.43 -25.08
C SER D 29 39.45 45.05 -26.13
N PHE D 30 38.20 44.56 -26.22
CA PHE D 30 37.19 45.03 -27.17
C PHE D 30 36.60 46.42 -26.86
N ILE D 31 36.29 46.72 -25.60
CA ILE D 31 35.73 48.02 -25.20
C ILE D 31 36.79 49.13 -25.33
N ALA D 32 36.43 50.29 -25.90
CA ALA D 32 37.27 51.48 -25.93
C ALA D 32 37.35 52.17 -24.56
N ASP D 33 38.56 52.35 -24.03
CA ASP D 33 38.84 52.84 -22.66
C ASP D 33 38.13 52.03 -21.56
N GLY D 34 38.23 50.70 -21.67
CA GLY D 34 37.39 49.72 -20.99
C GLY D 34 37.24 49.89 -19.48
N ASN D 35 38.34 49.94 -18.71
CA ASN D 35 38.24 49.99 -17.25
C ASN D 35 37.53 51.25 -16.73
N LYS D 36 37.76 52.42 -17.33
CA LYS D 36 37.04 53.65 -16.98
C LYS D 36 35.56 53.55 -17.35
N ARG D 37 35.26 52.97 -18.51
CA ARG D 37 33.85 52.79 -18.95
C ARG D 37 33.12 51.86 -17.96
N LEU D 38 33.76 50.73 -17.62
CA LEU D 38 33.17 49.75 -16.67
C LEU D 38 33.00 50.42 -15.30
N ASP D 39 33.93 51.31 -14.93
CA ASP D 39 33.86 52.03 -13.64
C ASP D 39 32.79 53.13 -13.72
N ALA D 40 32.52 53.62 -14.94
CA ALA D 40 31.50 54.67 -15.15
C ALA D 40 30.10 54.07 -15.04
N VAL D 41 29.89 52.90 -15.65
CA VAL D 41 28.59 52.22 -15.60
C VAL D 41 28.33 51.57 -14.24
N ASN D 42 29.35 51.02 -13.58
CA ASN D 42 29.27 50.53 -12.20
C ASN D 42 28.79 51.64 -11.23
N SER D 43 29.29 52.87 -11.38
CA SER D 43 28.89 54.00 -10.55
C SER D 43 27.41 54.36 -10.70
N ILE D 44 26.83 54.14 -11.89
CA ILE D 44 25.38 54.32 -12.14
C ILE D 44 24.58 53.19 -11.51
N VAL D 45 24.86 51.93 -11.86
CA VAL D 45 24.03 50.80 -11.39
C VAL D 45 24.10 50.65 -9.86
N SER D 46 25.23 50.98 -9.24
CA SER D 46 25.40 50.93 -7.78
C SER D 46 24.58 52.00 -7.02
N ASN D 47 24.09 53.03 -7.72
CA ASN D 47 23.27 54.11 -7.14
C ASN D 47 21.88 54.21 -7.77
N ALA D 48 21.50 53.29 -8.66
CA ALA D 48 20.34 53.44 -9.53
C ALA D 48 19.00 53.58 -8.78
N SER D 49 18.80 52.87 -7.68
CA SER D 49 17.57 53.00 -6.87
C SER D 49 17.44 54.39 -6.23
N CYS D 50 18.51 54.91 -5.61
CA CYS D 50 18.55 56.24 -4.99
C CYS D 50 18.33 57.28 -6.11
N MET D 51 18.97 57.09 -7.26
CA MET D 51 18.87 57.99 -8.41
C MET D 51 17.42 58.16 -8.88
N VAL D 52 16.73 57.05 -9.17
CA VAL D 52 15.36 57.13 -9.70
C VAL D 52 14.39 57.73 -8.67
N SER D 53 14.47 57.30 -7.41
CA SER D 53 13.58 57.79 -6.35
C SER D 53 13.78 59.28 -6.11
N ASP D 54 15.04 59.73 -6.02
CA ASP D 54 15.38 61.14 -5.85
C ASP D 54 14.95 61.97 -7.07
N ALA D 55 15.08 61.47 -8.31
CA ALA D 55 14.70 62.21 -9.50
C ALA D 55 13.18 62.44 -9.59
N VAL D 56 12.38 61.39 -9.37
CA VAL D 56 10.92 61.54 -9.34
C VAL D 56 10.49 62.36 -8.12
N SER D 57 11.18 62.17 -6.99
CA SER D 57 10.90 62.93 -5.75
C SER D 57 11.30 64.39 -5.96
N GLY D 58 12.21 64.62 -6.92
CA GLY D 58 12.69 65.98 -7.25
C GLY D 58 11.69 66.69 -8.15
N MET D 59 11.24 66.02 -9.21
CA MET D 59 10.27 66.61 -10.13
C MET D 59 8.93 66.90 -9.41
N ILE D 60 8.52 66.06 -8.46
CA ILE D 60 7.33 66.31 -7.61
C ILE D 60 7.52 67.49 -6.64
N CYS D 61 8.67 67.59 -5.95
CA CYS D 61 9.00 68.71 -5.05
C CYS D 61 8.86 70.08 -5.74
N GLU D 62 9.31 70.13 -6.99
CA GLU D 62 9.31 71.32 -7.83
C GLU D 62 7.95 71.64 -8.46
N ASN D 63 7.05 70.66 -8.56
CA ASN D 63 5.68 70.83 -9.06
C ASN D 63 4.70 69.93 -8.30
N PRO D 64 4.34 70.28 -7.05
CA PRO D 64 3.49 69.44 -6.21
C PRO D 64 2.08 69.23 -6.78
N GLY D 65 1.62 70.09 -7.70
CA GLY D 65 0.36 69.93 -8.44
C GLY D 65 0.24 68.61 -9.21
N LEU D 66 1.36 67.96 -9.52
CA LEU D 66 1.37 66.61 -10.11
C LEU D 66 0.74 65.54 -9.19
N ILE D 67 0.71 65.79 -7.88
CA ILE D 67 0.12 64.92 -6.84
C ILE D 67 -1.29 65.37 -6.40
N SER D 68 -1.78 66.52 -6.86
CA SER D 68 -3.17 66.96 -6.60
C SER D 68 -4.16 66.16 -7.48
N PRO D 69 -5.45 66.09 -7.12
CA PRO D 69 -6.46 65.46 -7.96
C PRO D 69 -6.43 66.03 -9.38
N GLY D 70 -6.50 65.16 -10.40
CA GLY D 70 -6.28 65.52 -11.80
C GLY D 70 -4.80 65.68 -12.22
N GLY D 71 -3.85 65.69 -11.29
CA GLY D 71 -2.42 65.62 -11.55
C GLY D 71 -2.01 64.24 -12.07
N CYS D 73 0.51 62.31 -11.59
CA CYS D 73 1.11 61.41 -10.60
C CYS D 73 0.15 61.11 -9.42
N TYR D 74 -1.12 61.55 -9.50
CA TYR D 74 -2.15 61.27 -8.50
C TYR D 74 -2.61 59.81 -8.56
N THR D 75 -2.87 59.22 -7.40
CA THR D 75 -3.10 57.76 -7.15
C THR D 75 -1.83 56.90 -7.25
N ASN D 76 -1.80 55.81 -6.46
CA ASN D 76 -0.65 54.92 -6.37
C ASN D 76 -0.25 54.29 -7.71
N ARG D 77 -1.24 53.99 -8.56
CA ARG D 77 -1.01 53.36 -9.88
C ARG D 77 -0.17 54.29 -10.76
N ARG D 78 -0.52 55.59 -10.77
CA ARG D 78 0.20 56.60 -11.59
C ARG D 78 1.63 56.75 -11.06
N MET D 79 1.78 56.99 -9.74
CA MET D 79 3.10 57.17 -9.14
C MET D 79 4.01 55.97 -9.44
N ALA D 80 3.46 54.76 -9.34
CA ALA D 80 4.17 53.53 -9.66
C ALA D 80 4.63 53.52 -11.13
N ALA D 81 3.74 53.88 -12.05
CA ALA D 81 4.08 53.89 -13.47
C ALA D 81 5.18 54.92 -13.79
N CYS D 82 5.14 56.09 -13.15
CA CYS D 82 6.18 57.10 -13.33
C CYS D 82 7.55 56.63 -12.80
N LEU D 83 7.58 56.10 -11.57
CA LEU D 83 8.78 55.48 -10.99
C LEU D 83 9.35 54.39 -11.92
N ARG D 84 8.47 53.52 -12.44
CA ARG D 84 8.84 52.45 -13.37
C ARG D 84 9.49 53.04 -14.64
N ASP D 85 8.89 54.06 -15.25
CA ASP D 85 9.45 54.69 -16.45
C ASP D 85 10.80 55.34 -16.20
N GLY D 86 10.98 55.98 -15.04
CA GLY D 86 12.28 56.56 -14.66
C GLY D 86 13.39 55.51 -14.62
N GLU D 87 13.11 54.35 -14.02
CA GLU D 87 14.07 53.26 -14.00
C GLU D 87 14.33 52.67 -15.40
N ILE D 88 13.30 52.48 -16.22
CA ILE D 88 13.46 51.98 -17.60
C ILE D 88 14.41 52.90 -18.39
N ILE D 89 14.17 54.20 -18.37
CA ILE D 89 14.98 55.16 -19.12
C ILE D 89 16.44 55.15 -18.61
N LEU D 90 16.64 55.18 -17.29
CA LEU D 90 17.97 55.08 -16.69
C LEU D 90 18.70 53.79 -17.14
N ARG D 91 17.99 52.66 -17.18
CA ARG D 91 18.58 51.38 -17.58
C ARG D 91 19.01 51.39 -19.04
N TYR D 92 18.21 51.91 -19.96
CA TYR D 92 18.61 52.02 -21.36
C TYR D 92 19.74 53.04 -21.60
N VAL D 93 19.79 54.15 -20.85
CA VAL D 93 20.95 55.08 -20.90
C VAL D 93 22.22 54.40 -20.39
N SER D 94 22.14 53.57 -19.34
CA SER D 94 23.29 52.81 -18.85
C SER D 94 23.82 51.79 -19.88
N TYR D 95 22.95 51.17 -20.68
CA TYR D 95 23.41 50.34 -21.79
C TYR D 95 24.08 51.17 -22.90
N ALA D 96 23.55 52.36 -23.22
CA ALA D 96 24.20 53.23 -24.20
C ALA D 96 25.64 53.60 -23.75
N LEU D 97 25.85 53.85 -22.45
CA LEU D 97 27.18 54.05 -21.85
C LEU D 97 28.08 52.81 -21.99
N LEU D 98 27.56 51.62 -21.70
CA LEU D 98 28.32 50.37 -21.88
C LEU D 98 28.74 50.19 -23.36
N ALA D 99 27.84 50.49 -24.29
CA ALA D 99 28.04 50.28 -25.72
C ALA D 99 28.87 51.40 -26.39
N GLY D 100 28.91 52.59 -25.79
CA GLY D 100 29.49 53.78 -26.42
C GLY D 100 28.69 54.26 -27.65
N ASP D 101 27.41 53.89 -27.79
CA ASP D 101 26.51 54.47 -28.79
C ASP D 101 25.03 54.44 -28.35
N ALA D 102 24.26 55.41 -28.85
CA ALA D 102 22.87 55.65 -28.44
C ALA D 102 21.84 54.70 -29.08
N SER D 103 22.23 53.87 -30.05
CA SER D 103 21.26 53.14 -30.89
C SER D 103 20.29 52.28 -30.07
N VAL D 104 20.74 51.56 -29.05
CA VAL D 104 19.82 50.70 -28.28
C VAL D 104 18.77 51.54 -27.53
N LEU D 105 19.18 52.70 -26.99
CA LEU D 105 18.29 53.65 -26.33
C LEU D 105 17.26 54.23 -27.31
N GLU D 106 17.72 54.67 -28.48
CA GLU D 106 16.85 55.23 -29.51
C GLU D 106 15.85 54.20 -30.00
N ASP D 107 16.33 53.02 -30.40
CA ASP D 107 15.54 51.97 -31.03
C ASP D 107 14.53 51.33 -30.05
N ARG D 108 14.99 50.95 -28.86
CA ARG D 108 14.19 50.16 -27.90
C ARG D 108 13.40 51.00 -26.90
N CYS D 109 13.80 52.23 -26.63
CA CYS D 109 13.22 53.04 -25.56
C CYS D 109 12.54 54.32 -26.08
N LEU D 110 13.23 55.09 -26.93
CA LEU D 110 12.75 56.42 -27.34
C LEU D 110 11.80 56.41 -28.56
N ASN D 111 11.94 55.45 -29.48
CA ASN D 111 11.01 55.31 -30.61
C ASN D 111 9.58 55.00 -30.14
N GLY D 112 8.62 55.86 -30.48
CA GLY D 112 7.24 55.70 -30.05
C GLY D 112 6.88 56.35 -28.70
N LEU D 113 7.89 56.74 -27.90
CA LEU D 113 7.66 57.22 -26.54
C LEU D 113 6.85 58.52 -26.51
N LYS D 114 7.21 59.48 -27.37
CA LYS D 114 6.53 60.78 -27.49
C LYS D 114 5.04 60.61 -27.76
N GLU D 115 4.71 59.76 -28.73
CA GLU D 115 3.34 59.42 -29.13
C GLU D 115 2.59 58.73 -27.99
N THR D 116 3.20 57.79 -27.25
CA THR D 116 2.53 57.22 -26.07
C THR D 116 2.28 58.25 -25.00
N TYR D 117 3.22 59.13 -24.70
CA TYR D 117 3.01 60.15 -23.67
C TYR D 117 1.92 61.14 -24.07
N ILE D 118 1.89 61.58 -25.34
CA ILE D 118 0.82 62.40 -25.89
C ILE D 118 -0.55 61.69 -25.75
N ALA D 119 -0.63 60.42 -26.15
CA ALA D 119 -1.86 59.65 -26.09
C ALA D 119 -2.36 59.45 -24.64
N LEU D 120 -1.44 59.23 -23.70
CA LEU D 120 -1.75 59.05 -22.28
C LEU D 120 -1.97 60.37 -21.53
N GLY D 121 -1.54 61.50 -22.05
CA GLY D 121 -1.57 62.77 -21.33
C GLY D 121 -0.44 62.94 -20.29
N VAL D 122 0.65 62.19 -20.45
CA VAL D 122 1.86 62.31 -19.61
C VAL D 122 2.59 63.61 -19.95
N PRO D 123 2.78 64.56 -19.01
CA PRO D 123 3.39 65.85 -19.34
C PRO D 123 4.88 65.74 -19.67
N THR D 124 5.27 66.08 -20.90
CA THR D 124 6.64 65.90 -21.38
C THR D 124 7.60 66.87 -20.71
N ASN D 125 7.18 68.10 -20.41
CA ASN D 125 8.07 69.07 -19.76
C ASN D 125 8.49 68.62 -18.35
N SER D 126 7.58 68.07 -17.55
CA SER D 126 7.93 67.56 -16.23
C SER D 126 8.71 66.22 -16.31
N SER D 127 8.41 65.39 -17.32
CA SER D 127 9.25 64.22 -17.64
C SER D 127 10.70 64.64 -17.96
N ILE D 128 10.90 65.70 -18.74
CA ILE D 128 12.23 66.23 -19.08
C ILE D 128 12.96 66.71 -17.82
N ARG D 129 12.25 67.28 -16.84
CA ARG D 129 12.84 67.65 -15.55
C ARG D 129 13.27 66.42 -14.73
N ALA D 130 12.49 65.35 -14.68
CA ALA D 130 12.91 64.10 -14.03
C ALA D 130 14.23 63.56 -14.65
N VAL D 131 14.27 63.53 -15.99
CA VAL D 131 15.44 63.13 -16.79
C VAL D 131 16.64 64.02 -16.51
N SER D 132 16.43 65.33 -16.38
CA SER D 132 17.49 66.30 -16.09
C SER D 132 18.07 66.09 -14.68
N ILE D 133 17.26 65.66 -13.71
CA ILE D 133 17.83 65.31 -12.40
C ILE D 133 18.73 64.08 -12.55
N MET D 134 18.27 63.03 -13.24
CA MET D 134 19.11 61.83 -13.36
C MET D 134 20.36 62.08 -14.20
N LYS D 135 20.33 63.03 -15.16
CA LYS D 135 21.53 63.53 -15.83
C LYS D 135 22.53 64.11 -14.82
N ALA D 136 22.09 65.03 -13.97
CA ALA D 136 22.96 65.64 -12.96
C ALA D 136 23.52 64.60 -11.98
N GLN D 137 22.69 63.65 -11.54
CA GLN D 137 23.11 62.53 -10.65
C GLN D 137 24.19 61.68 -11.37
N ALA D 138 23.99 61.28 -12.62
CA ALA D 138 24.90 60.42 -13.36
C ALA D 138 26.26 61.09 -13.58
N VAL D 139 26.26 62.35 -13.98
CA VAL D 139 27.50 63.14 -14.13
C VAL D 139 28.24 63.19 -12.79
N ALA D 140 27.52 63.40 -11.68
CA ALA D 140 28.13 63.44 -10.36
C ALA D 140 28.76 62.09 -9.96
N PHE D 141 28.06 60.97 -10.13
CA PHE D 141 28.63 59.66 -9.77
C PHE D 141 29.83 59.29 -10.65
N ILE D 142 29.79 59.54 -11.96
CA ILE D 142 30.89 59.21 -12.88
C ILE D 142 32.15 60.04 -12.56
N THR D 143 32.01 61.30 -12.18
CA THR D 143 33.14 62.18 -11.79
C THR D 143 33.44 62.11 -10.28
N ASN D 144 32.75 61.24 -9.54
CA ASN D 144 32.85 61.08 -8.09
C ASN D 144 32.62 62.38 -7.29
N THR D 145 31.70 63.23 -7.74
CA THR D 145 31.34 64.51 -7.07
C THR D 145 29.97 64.47 -6.38
N ALA D 146 29.40 63.28 -6.14
CA ALA D 146 28.15 63.15 -5.38
C ALA D 146 28.33 63.61 -3.92
N THR D 147 27.30 64.25 -3.37
CA THR D 147 27.35 64.94 -2.07
C THR D 147 27.41 63.98 -0.88
N GLU D 148 26.65 62.88 -0.93
CA GLU D 148 26.45 62.00 0.23
C GLU D 148 26.99 60.58 0.04
N ARG D 149 27.56 60.28 -1.14
CA ARG D 149 28.26 59.03 -1.40
C ARG D 149 29.53 59.28 -2.22
N LYS D 150 30.64 58.67 -1.81
CA LYS D 150 31.86 58.54 -2.64
C LYS D 150 32.11 57.08 -2.95
N MET D 151 32.52 56.81 -4.19
CA MET D 151 33.01 55.51 -4.64
C MET D 151 34.55 55.52 -4.75
N SER D 152 35.17 54.34 -4.89
CA SER D 152 36.64 54.21 -4.92
C SER D 152 37.14 53.94 -6.35
N PHE D 153 38.07 54.78 -6.82
CA PHE D 153 38.63 54.76 -8.16
C PHE D 153 40.15 54.99 -8.14
N ALA D 154 40.87 54.48 -9.15
CA ALA D 154 42.21 54.95 -9.45
C ALA D 154 42.17 56.41 -9.94
N ALA D 155 43.11 57.24 -9.52
CA ALA D 155 43.14 58.66 -9.87
C ALA D 155 43.29 58.88 -11.39
N GLY D 156 42.54 59.83 -11.94
CA GLY D 156 42.58 60.20 -13.35
C GLY D 156 41.45 61.16 -13.72
N ASP D 157 41.18 61.30 -15.01
CA ASP D 157 40.08 62.12 -15.52
C ASP D 157 39.06 61.26 -16.29
N CYS D 158 37.79 61.37 -15.91
CA CYS D 158 36.70 60.71 -16.61
C CYS D 158 35.68 61.70 -17.24
N THR D 159 36.07 62.94 -17.49
CA THR D 159 35.16 63.98 -17.98
C THR D 159 34.59 63.68 -19.37
N SER D 160 35.34 63.02 -20.25
CA SER D 160 34.84 62.53 -21.54
C SER D 160 33.62 61.60 -21.38
N LEU D 161 33.71 60.62 -20.48
CA LEU D 161 32.59 59.71 -20.23
C LEU D 161 31.38 60.43 -19.62
N ALA D 162 31.61 61.40 -18.72
CA ALA D 162 30.53 62.20 -18.15
C ALA D 162 29.82 63.03 -19.25
N SER D 163 30.59 63.66 -20.14
CA SER D 163 30.07 64.40 -21.29
C SER D 163 29.29 63.51 -22.25
N GLU D 164 29.76 62.28 -22.48
CA GLU D 164 29.04 61.29 -23.29
C GLU D 164 27.69 60.91 -22.65
N VAL D 165 27.69 60.58 -21.36
CA VAL D 165 26.45 60.20 -20.66
C VAL D 165 25.44 61.34 -20.68
N ALA D 166 25.91 62.58 -20.52
CA ALA D 166 25.05 63.75 -20.62
C ALA D 166 24.35 63.82 -22.00
N SER D 167 25.08 63.49 -23.09
CA SER D 167 24.50 63.46 -24.43
C SER D 167 23.40 62.40 -24.55
N TYR D 168 23.53 61.26 -23.87
CA TYR D 168 22.49 60.23 -23.89
C TYR D 168 21.23 60.69 -23.15
N PHE D 169 21.37 61.32 -21.97
CA PHE D 169 20.19 61.85 -21.29
C PHE D 169 19.54 62.99 -22.09
N ASP D 170 20.36 63.89 -22.63
CA ASP D 170 19.87 65.05 -23.43
C ASP D 170 19.10 64.54 -24.65
N ARG D 171 19.34 63.29 -25.05
CA ARG D 171 18.66 62.70 -26.23
C ARG D 171 17.22 62.31 -25.85
N VAL D 172 17.02 61.89 -24.60
CA VAL D 172 15.67 61.48 -24.11
C VAL D 172 14.73 62.69 -24.17
N GLY D 173 15.24 63.87 -23.78
CA GLY D 173 14.43 65.12 -23.79
C GLY D 173 14.20 65.62 -25.20
N ALA D 174 15.07 65.26 -26.14
CA ALA D 174 14.94 65.71 -27.55
C ALA D 174 13.98 64.78 -28.30
N ALA D 175 13.83 63.54 -27.81
CA ALA D 175 12.94 62.55 -28.46
C ALA D 175 11.48 62.79 -28.01
N ILE D 176 11.30 63.19 -26.75
CA ILE D 176 9.94 63.45 -26.19
C ILE D 176 9.63 64.94 -26.30
N SER D 177 10.53 65.70 -26.94
CA SER D 177 10.34 67.17 -27.12
C SER D 177 9.05 67.44 -27.90
#